data_7WOI
#
_entry.id   7WOI
#
_cell.length_a   45.645
_cell.length_b   64.092
_cell.length_c   441.981
_cell.angle_alpha   90.000
_cell.angle_beta   90.000
_cell.angle_gamma   90.000
#
_symmetry.space_group_name_H-M   'P 21 21 21'
#
loop_
_entity.id
_entity.type
_entity.pdbx_description
1 polymer Spa2
2 non-polymer 1,2-ETHANEDIOL
3 non-polymer GLYCEROL
4 water water
#
_entity_poly.entity_id   1
_entity_poly.type   'polypeptide(L)'
_entity_poly.pdbx_seq_one_letter_code
;MTSKSSAFRRLTAAVGTVAVAVAGVISMGQVASAQQATAVGPDQPGAPTHGSLTVHKYVGQEGNAGTGEEISVPGGQPLE
GAEFTIWRLGTNDGDSCEPIDLANTNDWAQVPTGAAPRELSAVQNDFCLVDGGTARTTNSAGEYTFGNLDLGLYYVQETD
APANIVSRTAPFYVSIPLPHAQQNWLYDVHVYPKNQEVDAPTKTINSDSDQAGKGLTVGSVVEWTISQTVPALNDGEQYT
SATIWDVLNPAELEYAGTTSVSLNGTPLVEGTDYTIDAGVVSWSLTEKKLAEIKAGDTIEVVFTTTVLAVTETGDIDNPG
SEGPDKPGYGSEFNGGTTPGGTTPHTYWGQLTVNKGDTGMVNKLAGAEFAVFNNAENGVCAPEAPETDAIATGVSDAEGV
VRWNDVTPDNPLGLWIANSSDGEIANPNKDYCLYETKAPSGYVAGPVQKVNITPGTTAKLVVDFENTKKDGPNLPLTGGQ
GTLMMTIGGLALMLVGAGAVYALRRRNEA
;
_entity_poly.pdbx_strand_id   A,B
#
# COMPACT_ATOMS: atom_id res chain seq x y z
N GLN A 36 -15.69 -7.70 46.98
CA GLN A 36 -15.08 -7.43 45.66
C GLN A 36 -15.04 -5.92 45.51
N ALA A 37 -14.58 -5.42 44.37
CA ALA A 37 -14.70 -3.96 44.19
C ALA A 37 -16.14 -3.60 44.56
N THR A 38 -16.31 -2.72 45.54
CA THR A 38 -17.68 -2.40 46.02
C THR A 38 -17.81 -0.91 46.17
N ALA A 39 -19.04 -0.45 46.18
CA ALA A 39 -19.30 0.97 46.43
C ALA A 39 -20.56 1.08 47.28
N VAL A 40 -20.92 2.32 47.61
CA VAL A 40 -22.10 2.59 48.41
C VAL A 40 -23.02 3.51 47.62
N GLY A 41 -24.23 3.69 48.13
CA GLY A 41 -25.24 4.50 47.48
C GLY A 41 -24.77 5.92 47.24
N PRO A 42 -25.40 6.60 46.28
CA PRO A 42 -24.96 7.97 45.95
C PRO A 42 -25.15 8.98 47.06
N ASP A 43 -25.88 8.64 48.13
CA ASP A 43 -26.07 9.55 49.25
C ASP A 43 -25.44 9.02 50.54
N GLN A 44 -24.71 7.92 50.48
CA GLN A 44 -24.07 7.34 51.65
C GLN A 44 -22.70 7.96 51.89
N PRO A 45 -22.23 7.95 53.13
CA PRO A 45 -20.85 8.41 53.38
C PRO A 45 -19.84 7.51 52.69
N GLY A 46 -18.82 8.13 52.11
CA GLY A 46 -17.84 7.37 51.36
C GLY A 46 -18.23 7.11 49.92
N ALA A 47 -19.06 7.98 49.34
CA ALA A 47 -19.53 7.81 47.97
C ALA A 47 -18.94 8.89 47.08
N PRO A 48 -18.59 8.56 45.83
CA PRO A 48 -18.04 9.56 44.92
C PRO A 48 -19.06 10.64 44.58
N THR A 49 -18.55 11.73 44.02
CA THR A 49 -19.39 12.83 43.55
C THR A 49 -19.69 12.74 42.06
N HIS A 50 -18.76 12.18 41.28
CA HIS A 50 -18.91 12.08 39.83
C HIS A 50 -18.76 10.61 39.41
N GLY A 51 -18.80 10.39 38.09
CA GLY A 51 -18.64 9.06 37.53
C GLY A 51 -18.10 9.11 36.11
N SER A 52 -18.11 7.97 35.42
CA SER A 52 -17.59 7.90 34.06
C SER A 52 -18.40 6.90 33.25
N LEU A 53 -18.20 6.95 31.94
CA LEU A 53 -18.82 6.02 31.00
C LEU A 53 -17.80 5.67 29.93
N THR A 54 -17.24 4.46 30.01
CA THR A 54 -16.20 4.01 29.09
C THR A 54 -16.83 3.15 28.00
N VAL A 55 -16.72 3.60 26.76
CA VAL A 55 -17.27 2.88 25.62
C VAL A 55 -16.18 1.99 25.04
N HIS A 56 -16.53 0.75 24.73
CA HIS A 56 -15.64 -0.18 24.02
C HIS A 56 -16.36 -0.61 22.75
N LYS A 57 -15.91 -0.09 21.62
CA LYS A 57 -16.57 -0.38 20.33
C LYS A 57 -15.91 -1.54 19.62
N TYR A 58 -16.71 -2.55 19.27
CA TYR A 58 -16.23 -3.71 18.53
C TYR A 58 -17.23 -4.04 17.42
N VAL A 59 -16.76 -4.85 16.47
CA VAL A 59 -17.58 -5.29 15.35
C VAL A 59 -17.83 -6.79 15.51
N GLY A 60 -19.10 -7.19 15.43
CA GLY A 60 -19.46 -8.58 15.57
C GLY A 60 -20.48 -8.83 16.67
N ASN A 64 -24.49 -11.43 25.98
CA ASN A 64 -24.02 -10.19 26.55
C ASN A 64 -25.08 -9.09 26.49
N ALA A 65 -26.14 -9.27 27.27
CA ALA A 65 -27.21 -8.27 27.32
C ALA A 65 -26.70 -6.95 27.89
N GLY A 66 -26.12 -7.01 29.09
CA GLY A 66 -25.53 -5.84 29.73
C GLY A 66 -24.74 -6.24 30.95
N THR A 67 -24.83 -5.41 32.01
CA THR A 67 -24.42 -5.62 33.39
C THR A 67 -23.72 -4.37 33.93
N GLY A 68 -22.98 -3.66 33.06
CA GLY A 68 -22.39 -2.38 33.38
C GLY A 68 -20.89 -2.41 33.59
N GLU A 69 -20.39 -3.50 34.13
CA GLU A 69 -18.97 -3.56 34.54
C GLU A 69 -18.04 -3.73 33.35
N GLU A 70 -16.75 -3.62 33.60
CA GLU A 70 -15.74 -3.89 32.59
C GLU A 70 -15.31 -5.35 32.67
N ILE A 71 -15.59 -6.12 31.63
CA ILE A 71 -15.05 -7.45 31.47
C ILE A 71 -13.92 -7.37 30.44
N SER A 72 -12.68 -7.53 30.90
CA SER A 72 -11.50 -7.33 30.08
C SER A 72 -11.25 -8.46 29.09
N VAL A 73 -12.24 -9.30 28.82
CA VAL A 73 -12.12 -10.35 27.81
C VAL A 73 -12.76 -9.84 26.52
N PRO A 74 -11.98 -9.35 25.56
CA PRO A 74 -12.57 -8.69 24.39
C PRO A 74 -13.24 -9.66 23.44
N GLY A 75 -12.44 -10.54 22.84
CA GLY A 75 -12.93 -11.44 21.81
C GLY A 75 -12.28 -11.17 20.47
N GLY A 76 -12.20 -9.91 20.09
CA GLY A 76 -11.51 -9.50 18.88
C GLY A 76 -12.26 -8.42 18.13
N GLN A 77 -11.53 -7.74 17.23
CA GLN A 77 -12.03 -6.75 16.28
C GLN A 77 -12.44 -5.40 16.87
N PRO A 78 -11.57 -4.61 17.42
CA PRO A 78 -11.89 -3.22 17.75
C PRO A 78 -12.29 -2.35 16.56
N LEU A 79 -12.82 -1.17 16.86
CA LEU A 79 -13.31 -0.27 15.82
C LEU A 79 -13.09 1.16 16.26
N GLU A 80 -12.33 1.91 15.47
CA GLU A 80 -12.10 3.34 15.72
C GLU A 80 -12.88 4.18 14.72
N GLY A 81 -13.12 5.43 15.10
CA GLY A 81 -13.91 6.34 14.31
C GLY A 81 -15.37 6.43 14.71
N ALA A 82 -15.76 5.75 15.78
CA ALA A 82 -17.15 5.76 16.24
C ALA A 82 -17.39 6.99 17.11
N GLU A 83 -18.30 7.86 16.68
CA GLU A 83 -18.61 9.08 17.40
C GLU A 83 -19.86 8.88 18.23
N PHE A 84 -19.77 9.22 19.52
CA PHE A 84 -20.89 9.08 20.46
C PHE A 84 -21.14 10.44 21.11
N THR A 85 -22.36 10.94 20.95
CA THR A 85 -22.78 12.18 21.60
C THR A 85 -23.61 11.83 22.82
N ILE A 86 -23.30 12.46 23.96
CA ILE A 86 -23.97 12.18 25.22
C ILE A 86 -24.61 13.47 25.73
N TRP A 87 -25.88 13.39 26.09
CA TRP A 87 -26.61 14.50 26.67
C TRP A 87 -26.96 14.17 28.12
N ARG A 88 -26.72 15.12 29.02
CA ARG A 88 -27.25 14.99 30.37
C ARG A 88 -28.72 15.38 30.37
N LEU A 89 -29.52 14.66 31.15
CA LEU A 89 -30.96 14.83 31.15
C LEU A 89 -31.41 15.53 32.43
N GLY A 90 -32.32 16.49 32.27
CA GLY A 90 -32.94 17.16 33.40
C GLY A 90 -34.43 16.93 33.43
N THR A 91 -35.14 17.69 34.26
CA THR A 91 -36.58 17.58 34.37
C THR A 91 -37.22 18.95 34.18
N ASN A 92 -38.36 18.97 33.51
CA ASN A 92 -39.08 20.22 33.24
C ASN A 92 -39.59 20.85 34.53
N ASP A 95 -40.65 26.08 32.75
CA ASP A 95 -39.67 26.99 33.32
C ASP A 95 -38.28 26.77 32.73
N SER A 96 -37.45 26.04 33.46
CA SER A 96 -36.08 25.74 33.05
C SER A 96 -35.82 24.25 33.19
N CYS A 97 -34.65 23.83 32.71
CA CYS A 97 -34.25 22.42 32.75
C CYS A 97 -33.32 22.23 33.94
N GLU A 98 -33.84 21.66 35.02
CA GLU A 98 -33.05 21.40 36.21
C GLU A 98 -32.46 19.99 36.12
N PRO A 99 -31.14 19.84 36.18
CA PRO A 99 -30.54 18.53 35.93
C PRO A 99 -30.94 17.50 36.97
N ILE A 100 -31.06 16.25 36.51
CA ILE A 100 -31.33 15.14 37.41
C ILE A 100 -30.10 14.90 38.28
N ASP A 101 -30.31 14.90 39.59
CA ASP A 101 -29.25 14.63 40.56
C ASP A 101 -29.57 13.32 41.27
N LEU A 102 -28.86 12.25 40.89
CA LEU A 102 -29.11 10.94 41.46
C LEU A 102 -28.60 10.79 42.89
N ALA A 103 -28.07 11.85 43.49
CA ALA A 103 -27.83 11.88 44.92
C ALA A 103 -29.06 12.28 45.71
N ASN A 104 -30.07 12.83 45.06
CA ASN A 104 -31.35 13.15 45.67
C ASN A 104 -32.32 12.00 45.44
N THR A 105 -32.98 11.56 46.51
CA THR A 105 -33.83 10.38 46.43
C THR A 105 -34.98 10.58 45.44
N ASN A 106 -35.57 11.78 45.41
CA ASN A 106 -36.74 12.02 44.58
C ASN A 106 -36.43 11.94 43.09
N ASP A 107 -35.18 12.14 42.69
CA ASP A 107 -34.83 12.14 41.27
C ASP A 107 -34.78 10.73 40.69
N TRP A 108 -34.69 9.70 41.52
CA TRP A 108 -34.69 8.33 40.99
C TRP A 108 -36.07 7.90 40.47
N ALA A 109 -37.12 8.66 40.77
CA ALA A 109 -38.42 8.38 40.16
C ALA A 109 -38.41 8.69 38.68
N GLN A 110 -37.56 9.64 38.25
CA GLN A 110 -37.48 10.01 36.84
C GLN A 110 -36.67 9.01 36.02
N VAL A 111 -35.87 8.17 36.66
CA VAL A 111 -35.00 7.25 35.91
C VAL A 111 -35.87 6.28 35.12
N PRO A 112 -35.66 6.14 33.82
CA PRO A 112 -36.55 5.31 33.01
C PRO A 112 -36.28 3.82 33.23
N THR A 113 -37.30 3.02 32.89
CA THR A 113 -37.28 1.58 33.10
C THR A 113 -36.99 0.81 31.82
N GLY A 114 -37.52 1.25 30.69
CA GLY A 114 -37.35 0.55 29.43
C GLY A 114 -36.15 1.03 28.64
N ALA A 115 -36.18 0.74 27.35
CA ALA A 115 -35.09 1.14 26.46
C ALA A 115 -35.24 2.61 26.09
N ALA A 116 -34.19 3.15 25.49
CA ALA A 116 -34.21 4.57 25.14
C ALA A 116 -34.85 4.77 23.77
N PRO A 117 -35.55 5.89 23.59
CA PRO A 117 -36.09 6.20 22.25
C PRO A 117 -34.97 6.39 21.25
N ARG A 118 -35.28 6.08 19.99
CA ARG A 118 -34.26 6.14 18.93
C ARG A 118 -34.04 7.55 18.39
N GLU A 119 -34.89 8.52 18.75
CA GLU A 119 -34.73 9.89 18.29
C GLU A 119 -34.65 10.82 19.48
N LEU A 120 -33.81 11.86 19.34
CA LEU A 120 -33.64 12.84 20.41
C LEU A 120 -34.94 13.55 20.74
N SER A 121 -35.81 13.76 19.74
CA SER A 121 -37.06 14.46 19.97
C SER A 121 -37.96 13.69 20.93
N ALA A 122 -37.94 12.35 20.85
CA ALA A 122 -38.80 11.55 21.70
C ALA A 122 -38.37 11.61 23.16
N VAL A 123 -37.05 11.63 23.41
CA VAL A 123 -36.57 11.79 24.77
C VAL A 123 -36.78 13.21 25.27
N GLN A 124 -36.89 14.18 24.36
CA GLN A 124 -37.16 15.55 24.75
C GLN A 124 -38.60 15.77 25.19
N ASN A 125 -39.49 14.80 24.95
CA ASN A 125 -40.85 14.89 25.46
C ASN A 125 -40.89 14.53 26.94
N ASP A 126 -40.25 13.43 27.31
CA ASP A 126 -40.22 13.02 28.71
C ASP A 126 -39.28 13.91 29.53
N PHE A 127 -38.02 14.02 29.09
CA PHE A 127 -37.00 14.80 29.77
C PHE A 127 -36.70 16.07 28.99
N CYS A 128 -35.77 16.85 29.53
CA CYS A 128 -35.24 18.02 28.85
C CYS A 128 -33.72 17.93 28.81
N LEU A 129 -33.12 18.55 27.80
CA LEU A 129 -31.68 18.49 27.61
C LEU A 129 -31.00 19.61 28.37
N VAL A 130 -29.94 19.27 29.12
CA VAL A 130 -29.21 20.29 29.86
C VAL A 130 -28.16 20.95 28.98
N ASP A 131 -27.33 20.14 28.33
CA ASP A 131 -26.31 20.63 27.43
C ASP A 131 -26.74 20.41 25.97
N GLY A 132 -25.92 20.90 25.05
CA GLY A 132 -26.21 20.75 23.63
C GLY A 132 -25.55 19.51 23.05
N GLY A 133 -25.12 18.59 23.92
CA GLY A 133 -24.46 17.38 23.48
C GLY A 133 -22.95 17.50 23.49
N THR A 134 -22.26 16.42 23.86
CA THR A 134 -20.81 16.36 23.88
C THR A 134 -20.39 15.13 23.08
N ALA A 135 -19.82 15.36 21.89
CA ALA A 135 -19.47 14.29 20.98
C ALA A 135 -17.98 14.01 21.02
N ARG A 136 -17.61 12.74 21.17
CA ARG A 136 -16.23 12.30 21.16
C ARG A 136 -16.13 11.01 20.38
N THR A 137 -14.90 10.65 19.99
CA THR A 137 -14.65 9.56 19.06
C THR A 137 -13.75 8.51 19.70
N THR A 138 -14.03 7.24 19.39
CA THR A 138 -13.25 6.13 19.92
C THR A 138 -11.84 6.14 19.33
N ASN A 139 -10.93 5.40 19.98
CA ASN A 139 -9.54 5.34 19.59
C ASN A 139 -9.22 3.99 18.95
N SER A 140 -7.92 3.72 18.77
CA SER A 140 -7.49 2.49 18.09
C SER A 140 -7.94 1.26 18.85
N ALA A 141 -8.05 1.34 20.17
CA ALA A 141 -8.63 0.25 20.94
C ALA A 141 -10.16 0.24 20.90
N GLY A 142 -10.76 1.12 20.11
CA GLY A 142 -12.21 1.23 20.07
C GLY A 142 -12.81 1.77 21.35
N GLU A 143 -12.10 2.65 22.04
CA GLU A 143 -12.49 3.06 23.38
C GLU A 143 -12.46 4.58 23.53
N TYR A 144 -13.38 5.08 24.34
CA TYR A 144 -13.33 6.45 24.84
C TYR A 144 -14.08 6.49 26.17
N THR A 145 -13.57 7.31 27.10
CA THR A 145 -14.14 7.42 28.44
C THR A 145 -14.67 8.84 28.62
N PHE A 146 -15.97 8.95 28.89
CA PHE A 146 -16.57 10.23 29.26
C PHE A 146 -16.39 10.40 30.76
N GLY A 147 -15.37 11.17 31.14
CA GLY A 147 -15.00 11.29 32.54
C GLY A 147 -15.67 12.46 33.24
N ASN A 148 -15.71 12.35 34.58
CA ASN A 148 -16.22 13.41 35.46
C ASN A 148 -17.67 13.77 35.12
N LEU A 149 -18.52 12.76 35.19
CA LEU A 149 -19.96 12.92 34.96
C LEU A 149 -20.67 13.02 36.30
N ASP A 150 -21.40 14.11 36.51
CA ASP A 150 -22.16 14.26 37.74
C ASP A 150 -23.20 13.13 37.87
N LEU A 151 -23.61 12.87 39.10
CA LEU A 151 -24.58 11.81 39.36
C LEU A 151 -25.92 12.20 38.77
N GLY A 152 -26.22 11.68 37.59
CA GLY A 152 -27.45 12.00 36.91
C GLY A 152 -27.78 11.00 35.84
N LEU A 153 -28.72 11.39 34.97
CA LEU A 153 -29.19 10.55 33.88
C LEU A 153 -28.62 11.09 32.57
N TYR A 154 -28.19 10.18 31.69
CA TYR A 154 -27.53 10.55 30.45
C TYR A 154 -28.10 9.74 29.29
N TYR A 155 -28.19 10.40 28.13
CA TYR A 155 -28.69 9.80 26.89
C TYR A 155 -27.57 9.80 25.86
N VAL A 156 -27.27 8.64 25.30
CA VAL A 156 -26.15 8.46 24.38
C VAL A 156 -26.65 7.85 23.09
N GLN A 157 -26.19 8.38 21.96
CA GLN A 157 -26.47 7.79 20.66
C GLN A 157 -25.25 7.95 19.76
N GLU A 158 -24.94 6.89 19.01
CA GLU A 158 -23.79 6.87 18.11
C GLU A 158 -24.10 7.75 16.90
N THR A 159 -23.57 8.97 16.90
CA THR A 159 -23.93 9.96 15.90
C THR A 159 -23.06 9.90 14.64
N ASP A 160 -22.04 9.05 14.61
CA ASP A 160 -21.22 8.89 13.42
C ASP A 160 -20.39 7.62 13.55
N ALA A 161 -19.97 7.09 12.39
CA ALA A 161 -19.23 5.85 12.32
C ALA A 161 -18.50 5.82 10.97
N PRO A 162 -17.50 4.95 10.81
CA PRO A 162 -16.84 4.83 9.51
C PRO A 162 -17.83 4.43 8.43
N ALA A 163 -17.46 4.75 7.18
CA ALA A 163 -18.30 4.40 6.03
C ALA A 163 -18.41 2.90 5.85
N ASN A 164 -17.45 2.13 6.37
CA ASN A 164 -17.56 0.67 6.38
C ASN A 164 -18.76 0.20 7.20
N ILE A 165 -19.22 1.00 8.14
CA ILE A 165 -20.27 0.60 9.07
C ILE A 165 -21.64 0.89 8.47
N VAL A 166 -22.53 -0.10 8.54
CA VAL A 166 -23.88 0.02 7.99
C VAL A 166 -24.92 0.21 9.09
N SER A 167 -24.75 -0.45 10.23
CA SER A 167 -25.73 -0.39 11.31
C SER A 167 -25.01 -0.09 12.61
N ARG A 168 -25.36 1.05 13.21
CA ARG A 168 -24.78 1.50 14.47
C ARG A 168 -25.62 1.01 15.65
N THR A 169 -25.07 1.17 16.85
CA THR A 169 -25.78 0.73 18.05
C THR A 169 -27.02 1.59 18.28
N ALA A 170 -27.97 1.01 19.02
CA ALA A 170 -29.18 1.74 19.33
C ALA A 170 -28.93 2.74 20.46
N PRO A 171 -29.56 3.91 20.42
CA PRO A 171 -29.41 4.86 21.52
C PRO A 171 -29.83 4.25 22.84
N PHE A 172 -29.08 4.59 23.90
CA PHE A 172 -29.27 3.96 25.20
C PHE A 172 -29.14 5.00 26.30
N TYR A 173 -29.78 4.69 27.43
CA TYR A 173 -29.71 5.51 28.64
C TYR A 173 -28.63 4.97 29.56
N VAL A 174 -27.97 5.89 30.28
CA VAL A 174 -27.00 5.55 31.30
C VAL A 174 -27.33 6.33 32.57
N SER A 175 -27.24 5.66 33.71
CA SER A 175 -27.42 6.31 35.01
C SER A 175 -26.13 6.19 35.79
N ILE A 176 -25.66 7.34 36.26
CA ILE A 176 -24.44 7.38 37.12
C ILE A 176 -24.92 7.68 38.55
N PRO A 177 -24.86 6.78 39.60
CA PRO A 177 -24.27 5.46 39.44
C PRO A 177 -25.23 4.43 38.85
N LEU A 178 -24.75 3.19 38.70
CA LEU A 178 -25.53 2.10 38.16
C LEU A 178 -25.66 1.01 39.21
N PRO A 179 -26.88 0.57 39.55
CA PRO A 179 -27.03 -0.52 40.51
C PRO A 179 -26.42 -1.80 39.97
N HIS A 180 -25.50 -2.36 40.74
CA HIS A 180 -24.81 -3.61 40.36
C HIS A 180 -24.99 -4.69 41.44
N ALA A 181 -25.14 -5.94 41.04
CA ALA A 181 -25.38 -7.04 41.98
C ALA A 181 -24.10 -7.52 42.66
N GLN A 182 -22.94 -7.33 42.02
CA GLN A 182 -21.68 -7.71 42.63
C GLN A 182 -21.01 -6.52 43.33
N GLN A 183 -20.98 -5.37 42.68
CA GLN A 183 -20.24 -4.20 43.22
C GLN A 183 -21.21 -3.22 43.84
N ASN A 184 -22.41 -3.67 44.22
CA ASN A 184 -23.45 -2.84 44.90
C ASN A 184 -23.81 -1.67 44.02
N TRP A 185 -22.95 -0.69 43.98
CA TRP A 185 -23.15 0.46 43.06
C TRP A 185 -21.96 0.61 42.09
N LEU A 186 -22.20 1.00 40.86
CA LEU A 186 -21.20 1.13 39.79
C LEU A 186 -21.20 2.57 39.30
N TYR A 187 -20.08 3.27 39.54
CA TYR A 187 -19.94 4.65 39.12
C TYR A 187 -19.15 4.82 37.84
N ASP A 188 -18.18 3.95 37.59
CA ASP A 188 -17.41 3.94 36.34
C ASP A 188 -18.00 2.84 35.46
N VAL A 189 -19.01 3.21 34.68
CA VAL A 189 -19.77 2.25 33.88
C VAL A 189 -19.05 1.98 32.57
N HIS A 190 -19.20 0.75 32.07
CA HIS A 190 -18.59 0.31 30.82
C HIS A 190 -19.67 -0.26 29.92
N VAL A 191 -19.78 0.26 28.70
CA VAL A 191 -20.78 -0.18 27.73
C VAL A 191 -20.05 -0.76 26.53
N TYR A 192 -20.62 -1.81 25.94
CA TYR A 192 -20.04 -2.52 24.80
C TYR A 192 -21.03 -2.51 23.65
N PRO A 193 -21.14 -1.39 22.93
CA PRO A 193 -22.14 -1.29 21.86
C PRO A 193 -21.82 -2.23 20.70
N LYS A 194 -22.82 -2.41 19.84
CA LYS A 194 -22.73 -3.28 18.68
C LYS A 194 -22.68 -2.44 17.41
N ASN A 195 -21.74 -2.78 16.51
CA ASN A 195 -21.57 -2.07 15.22
C ASN A 195 -21.49 -3.11 14.10
N GLN A 196 -22.22 -2.94 13.00
CA GLN A 196 -22.31 -3.89 11.90
C GLN A 196 -21.69 -3.28 10.65
N GLU A 197 -20.86 -4.07 9.98
CA GLU A 197 -20.16 -3.63 8.79
C GLU A 197 -20.62 -4.44 7.57
N VAL A 198 -20.31 -3.91 6.39
CA VAL A 198 -20.62 -4.59 5.14
C VAL A 198 -19.37 -5.31 4.66
N ASP A 199 -19.51 -6.59 4.35
CA ASP A 199 -18.38 -7.38 3.87
C ASP A 199 -17.97 -6.96 2.47
N ALA A 200 -16.71 -7.18 2.15
CA ALA A 200 -16.19 -6.78 0.85
C ALA A 200 -16.67 -7.76 -0.23
N PRO A 201 -17.19 -7.28 -1.35
CA PRO A 201 -17.63 -8.19 -2.41
C PRO A 201 -16.46 -8.86 -3.11
N THR A 202 -16.76 -10.00 -3.71
CA THR A 202 -15.80 -10.80 -4.45
C THR A 202 -16.23 -10.87 -5.90
N LYS A 203 -15.26 -10.71 -6.81
CA LYS A 203 -15.55 -10.73 -8.26
C LYS A 203 -14.61 -11.68 -8.99
N THR A 204 -15.20 -12.72 -9.57
CA THR A 204 -14.46 -13.71 -10.35
C THR A 204 -14.77 -13.47 -11.83
N ILE A 205 -13.89 -13.96 -12.71
CA ILE A 205 -14.16 -13.88 -14.18
C ILE A 205 -14.47 -15.30 -14.70
N ASN A 206 -15.15 -15.39 -15.83
CA ASN A 206 -15.37 -16.71 -16.48
C ASN A 206 -14.04 -17.36 -16.77
N SER A 207 -14.00 -18.67 -16.92
CA SER A 207 -12.68 -19.29 -17.12
C SER A 207 -12.24 -19.29 -18.56
N ASP A 208 -11.13 -19.97 -18.83
CA ASP A 208 -10.53 -20.05 -20.17
C ASP A 208 -11.36 -21.02 -21.01
N SER A 209 -11.75 -22.14 -20.42
CA SER A 209 -12.63 -23.11 -21.12
C SER A 209 -13.90 -22.38 -21.53
N ASP A 210 -14.56 -21.82 -20.55
CA ASP A 210 -15.84 -21.13 -20.82
C ASP A 210 -15.59 -20.01 -21.81
N GLN A 211 -14.35 -19.59 -22.03
CA GLN A 211 -14.15 -18.40 -22.91
C GLN A 211 -14.32 -18.77 -24.37
N ALA A 212 -14.10 -20.04 -24.70
CA ALA A 212 -14.09 -20.42 -26.11
C ALA A 212 -15.38 -20.00 -26.80
N GLY A 213 -16.53 -20.44 -26.27
CA GLY A 213 -17.81 -20.12 -26.89
C GLY A 213 -18.21 -18.67 -26.75
N LYS A 214 -17.70 -17.97 -25.74
CA LYS A 214 -18.08 -16.59 -25.48
C LYS A 214 -17.41 -15.61 -26.44
N GLY A 215 -16.35 -16.06 -27.08
CA GLY A 215 -15.66 -15.21 -28.05
C GLY A 215 -14.16 -15.15 -27.79
N LEU A 216 -13.37 -15.08 -28.85
CA LEU A 216 -11.94 -14.92 -28.74
C LEU A 216 -11.22 -13.78 -29.43
N THR A 217 -11.91 -12.92 -30.16
CA THR A 217 -11.30 -11.79 -30.84
C THR A 217 -11.61 -10.51 -30.10
N VAL A 218 -10.83 -9.46 -30.40
CA VAL A 218 -11.09 -8.15 -29.82
C VAL A 218 -12.47 -7.68 -30.25
N GLY A 219 -13.29 -7.30 -29.28
CA GLY A 219 -14.69 -7.03 -29.51
C GLY A 219 -15.63 -8.05 -28.91
N SER A 220 -15.10 -9.17 -28.41
CA SER A 220 -15.89 -10.17 -27.72
C SER A 220 -16.25 -9.66 -26.32
N VAL A 221 -16.77 -10.55 -25.47
CA VAL A 221 -17.19 -10.18 -24.13
C VAL A 221 -16.65 -11.20 -23.14
N VAL A 222 -16.69 -10.82 -21.86
CA VAL A 222 -16.36 -11.70 -20.75
C VAL A 222 -17.43 -11.53 -19.68
N GLU A 223 -17.48 -12.51 -18.77
CA GLU A 223 -18.48 -12.53 -17.71
C GLU A 223 -17.80 -12.48 -16.35
N TRP A 224 -18.30 -11.60 -15.48
CA TRP A 224 -17.83 -11.49 -14.11
C TRP A 224 -18.97 -11.81 -13.16
N THR A 225 -18.61 -12.37 -12.00
CA THR A 225 -19.59 -12.77 -10.99
C THR A 225 -19.27 -12.03 -9.69
N ILE A 226 -20.10 -11.06 -9.34
CA ILE A 226 -19.90 -10.27 -8.13
C ILE A 226 -20.69 -10.94 -7.00
N SER A 227 -19.99 -11.74 -6.19
CA SER A 227 -20.61 -12.44 -5.07
C SER A 227 -20.43 -11.61 -3.79
N GLN A 228 -21.54 -11.27 -3.15
CA GLN A 228 -21.55 -10.42 -1.97
C GLN A 228 -22.33 -11.07 -0.85
N THR A 229 -21.69 -11.20 0.32
CA THR A 229 -22.38 -11.68 1.51
C THR A 229 -23.16 -10.53 2.14
N VAL A 230 -24.42 -10.79 2.47
CA VAL A 230 -25.28 -9.74 3.03
C VAL A 230 -24.80 -9.38 4.44
N PRO A 231 -24.77 -8.11 4.82
CA PRO A 231 -24.34 -7.74 6.17
C PRO A 231 -25.46 -7.89 7.18
N ALA A 232 -25.06 -8.21 8.41
CA ALA A 232 -26.02 -8.26 9.50
C ALA A 232 -26.46 -6.85 9.88
N LEU A 233 -27.61 -6.76 10.54
CA LEU A 233 -28.16 -5.49 11.00
C LEU A 233 -28.48 -5.59 12.48
N ASN A 234 -28.47 -4.44 13.15
CA ASN A 234 -28.84 -4.39 14.55
C ASN A 234 -30.35 -4.50 14.70
N ASP A 235 -30.77 -5.02 15.86
CA ASP A 235 -32.17 -5.36 16.08
C ASP A 235 -33.05 -4.12 15.97
N GLY A 236 -34.06 -4.20 15.11
CA GLY A 236 -35.03 -3.15 14.91
C GLY A 236 -34.97 -2.46 13.56
N GLU A 237 -33.83 -2.55 12.87
CA GLU A 237 -33.65 -1.85 11.61
C GLU A 237 -34.03 -2.73 10.43
N GLN A 238 -34.59 -2.10 9.40
CA GLN A 238 -34.91 -2.76 8.14
C GLN A 238 -34.01 -2.22 7.04
N TYR A 239 -33.68 -3.08 6.09
CA TYR A 239 -32.79 -2.69 4.99
C TYR A 239 -33.42 -1.59 4.16
N THR A 240 -32.66 -0.52 3.93
CA THR A 240 -33.15 0.66 3.22
C THR A 240 -32.64 0.74 1.79
N SER A 241 -31.32 0.75 1.62
CA SER A 241 -30.71 0.89 0.30
C SER A 241 -29.68 -0.21 0.10
N ALA A 242 -29.81 -0.95 -1.01
CA ALA A 242 -28.84 -1.97 -1.39
C ALA A 242 -28.38 -1.67 -2.81
N THR A 243 -27.08 -1.48 -2.98
CA THR A 243 -26.53 -1.10 -4.27
C THR A 243 -25.18 -1.78 -4.48
N ILE A 244 -24.97 -2.29 -5.69
CA ILE A 244 -23.67 -2.81 -6.12
C ILE A 244 -23.34 -2.12 -7.44
N TRP A 245 -22.23 -1.39 -7.46
CA TRP A 245 -21.82 -0.66 -8.65
C TRP A 245 -20.56 -1.28 -9.25
N ASP A 246 -20.23 -0.89 -10.48
CA ASP A 246 -18.99 -1.35 -11.17
C ASP A 246 -18.64 -0.31 -12.23
N VAL A 247 -17.87 0.71 -11.84
CA VAL A 247 -17.44 1.72 -12.79
C VAL A 247 -16.46 1.12 -13.79
N LEU A 248 -16.66 1.43 -15.07
CA LEU A 248 -15.87 0.88 -16.14
C LEU A 248 -14.99 1.94 -16.78
N ASN A 249 -13.75 1.57 -17.07
CA ASN A 249 -12.86 2.45 -17.83
C ASN A 249 -13.29 2.44 -19.29
N PRO A 250 -13.74 3.58 -19.85
CA PRO A 250 -14.27 3.56 -21.23
C PRO A 250 -13.25 3.23 -22.29
N ALA A 251 -11.95 3.19 -21.95
CA ALA A 251 -10.93 2.81 -22.91
C ALA A 251 -10.72 1.31 -22.99
N GLU A 252 -11.19 0.54 -22.00
CA GLU A 252 -10.96 -0.89 -21.95
C GLU A 252 -12.25 -1.70 -22.05
N LEU A 253 -13.23 -1.43 -21.19
CA LEU A 253 -14.43 -2.25 -21.12
C LEU A 253 -15.67 -1.39 -21.41
N GLU A 254 -16.76 -2.09 -21.71
CA GLU A 254 -18.04 -1.46 -22.01
C GLU A 254 -19.15 -2.43 -21.65
N TYR A 255 -20.16 -1.94 -20.93
CA TYR A 255 -21.24 -2.82 -20.46
C TYR A 255 -22.03 -3.37 -21.63
N ALA A 256 -22.25 -4.68 -21.63
CA ALA A 256 -23.03 -5.37 -22.66
C ALA A 256 -24.40 -5.80 -22.15
N GLY A 257 -24.45 -6.54 -21.04
CA GLY A 257 -25.73 -6.97 -20.51
C GLY A 257 -25.62 -7.90 -19.31
N THR A 258 -26.38 -7.59 -18.27
CA THR A 258 -26.46 -8.48 -17.12
C THR A 258 -27.16 -9.78 -17.51
N THR A 259 -26.68 -10.90 -16.95
CA THR A 259 -27.27 -12.20 -17.23
C THR A 259 -27.88 -12.88 -16.02
N SER A 260 -27.51 -12.48 -14.81
CA SER A 260 -28.02 -13.15 -13.60
C SER A 260 -27.64 -12.34 -12.37
N VAL A 261 -28.54 -12.42 -11.37
CA VAL A 261 -28.36 -11.81 -10.04
C VAL A 261 -29.13 -12.80 -9.16
N SER A 262 -28.44 -13.67 -8.46
CA SER A 262 -29.09 -14.75 -7.70
C SER A 262 -29.01 -14.55 -6.20
N LEU A 263 -29.92 -15.17 -5.47
CA LEU A 263 -30.01 -15.00 -4.01
C LEU A 263 -29.85 -16.37 -3.35
N ASN A 264 -28.63 -16.71 -2.93
CA ASN A 264 -28.36 -18.03 -2.36
C ASN A 264 -28.66 -19.16 -3.34
N GLY A 265 -28.46 -18.91 -4.63
CA GLY A 265 -28.80 -19.86 -5.67
C GLY A 265 -30.09 -19.57 -6.40
N THR A 266 -31.00 -18.82 -5.77
CA THR A 266 -32.26 -18.45 -6.42
C THR A 266 -32.08 -17.13 -7.17
N PRO A 267 -32.24 -17.10 -8.48
CA PRO A 267 -31.95 -15.87 -9.23
C PRO A 267 -33.02 -14.78 -9.13
N LEU A 268 -33.12 -13.96 -10.18
CA LEU A 268 -33.68 -12.62 -10.09
C LEU A 268 -35.10 -12.54 -10.62
N VAL A 269 -35.65 -11.32 -10.57
CA VAL A 269 -36.91 -10.95 -11.19
C VAL A 269 -36.68 -9.67 -11.98
N GLU A 270 -37.59 -9.40 -12.92
CA GLU A 270 -37.46 -8.26 -13.82
C GLU A 270 -37.48 -6.93 -13.07
N GLY A 271 -38.64 -6.56 -12.53
CA GLY A 271 -38.83 -5.28 -11.87
C GLY A 271 -38.74 -5.31 -10.36
N THR A 272 -38.30 -6.41 -9.77
CA THR A 272 -38.19 -6.50 -8.31
C THR A 272 -36.80 -6.14 -7.83
N ASP A 273 -35.76 -6.63 -8.49
CA ASP A 273 -34.38 -6.22 -8.25
C ASP A 273 -33.95 -5.38 -9.45
N TYR A 274 -34.18 -4.08 -9.35
CA TYR A 274 -33.85 -3.15 -10.44
C TYR A 274 -32.37 -3.26 -10.81
N THR A 275 -32.11 -3.47 -12.09
CA THR A 275 -30.77 -3.80 -12.57
C THR A 275 -30.44 -3.03 -13.85
N ILE A 276 -30.56 -1.70 -13.81
CA ILE A 276 -30.22 -0.89 -14.98
C ILE A 276 -29.09 0.08 -14.60
N ASP A 277 -29.28 1.37 -14.90
CA ASP A 277 -28.25 2.38 -14.79
C ASP A 277 -26.92 2.02 -15.46
N ALA A 278 -27.01 1.82 -16.78
CA ALA A 278 -25.88 1.38 -17.57
C ALA A 278 -24.63 2.24 -17.40
N GLY A 279 -24.76 3.56 -17.53
CA GLY A 279 -23.65 4.45 -17.27
C GLY A 279 -23.19 4.35 -15.83
N VAL A 280 -21.93 3.97 -15.64
CA VAL A 280 -21.40 3.59 -14.33
C VAL A 280 -22.20 2.47 -13.71
N VAL A 281 -22.07 1.26 -14.27
CA VAL A 281 -22.91 0.12 -13.96
C VAL A 281 -23.23 -0.01 -12.48
N SER A 282 -24.51 0.11 -12.13
CA SER A 282 -24.96 0.14 -10.75
C SER A 282 -26.20 -0.74 -10.71
N TRP A 283 -26.56 -1.18 -9.51
CA TRP A 283 -27.72 -2.06 -9.31
C TRP A 283 -28.37 -1.70 -7.98
N SER A 284 -29.44 -0.91 -8.04
CA SER A 284 -30.19 -0.49 -6.86
C SER A 284 -31.43 -1.38 -6.71
N LEU A 285 -31.55 -2.01 -5.54
CA LEU A 285 -32.68 -2.94 -5.27
C LEU A 285 -33.96 -2.16 -4.94
N THR A 286 -35.03 -2.91 -4.68
CA THR A 286 -36.34 -2.31 -4.33
C THR A 286 -36.81 -2.99 -3.04
N GLU A 287 -37.78 -2.40 -2.37
CA GLU A 287 -38.13 -2.85 -1.02
C GLU A 287 -38.50 -4.33 -0.93
N LYS A 288 -39.08 -4.91 -1.97
CA LYS A 288 -39.51 -6.31 -1.87
C LYS A 288 -38.33 -7.21 -1.54
N LYS A 289 -37.30 -7.22 -2.38
CA LYS A 289 -36.11 -8.02 -2.09
C LYS A 289 -35.42 -7.54 -0.83
N LEU A 290 -35.55 -6.25 -0.50
CA LEU A 290 -34.97 -5.72 0.72
C LEU A 290 -35.61 -6.34 1.95
N ALA A 291 -36.93 -6.54 1.92
CA ALA A 291 -37.64 -7.17 3.02
C ALA A 291 -37.58 -8.70 2.98
N GLU A 292 -36.76 -9.26 2.09
CA GLU A 292 -36.63 -10.70 1.93
C GLU A 292 -35.30 -11.25 2.40
N ILE A 293 -34.23 -10.46 2.32
CA ILE A 293 -32.88 -10.95 2.59
C ILE A 293 -32.63 -11.04 4.08
N LYS A 294 -31.86 -12.05 4.48
CA LYS A 294 -31.43 -12.24 5.86
C LYS A 294 -29.91 -12.16 5.94
N ALA A 295 -29.41 -12.04 7.16
CA ALA A 295 -27.97 -12.01 7.39
C ALA A 295 -27.34 -13.32 6.92
N GLY A 296 -26.34 -13.21 6.05
CA GLY A 296 -25.72 -14.37 5.46
C GLY A 296 -26.24 -14.76 4.10
N ASP A 297 -27.13 -13.95 3.51
CA ASP A 297 -27.69 -14.24 2.19
C ASP A 297 -26.69 -13.81 1.13
N THR A 298 -26.04 -14.79 0.50
CA THR A 298 -25.12 -14.50 -0.59
C THR A 298 -25.89 -14.10 -1.84
N ILE A 299 -25.49 -12.96 -2.40
CA ILE A 299 -26.08 -12.51 -3.69
C ILE A 299 -24.95 -12.43 -4.73
N GLU A 300 -25.13 -12.97 -5.95
CA GLU A 300 -24.14 -13.00 -7.01
C GLU A 300 -24.70 -12.34 -8.26
N VAL A 301 -24.14 -11.20 -8.64
CA VAL A 301 -24.50 -10.53 -9.89
C VAL A 301 -23.55 -10.98 -10.98
N VAL A 302 -24.09 -11.29 -12.16
CA VAL A 302 -23.30 -11.68 -13.31
C VAL A 302 -23.68 -10.79 -14.48
N PHE A 303 -22.68 -10.17 -15.11
CA PHE A 303 -22.91 -9.28 -16.24
C PHE A 303 -21.79 -9.43 -17.25
N THR A 304 -22.02 -8.87 -18.44
CA THR A 304 -21.13 -9.04 -19.58
C THR A 304 -20.56 -7.69 -20.00
N THR A 305 -19.26 -7.65 -20.29
CA THR A 305 -18.57 -6.45 -20.70
C THR A 305 -17.84 -6.69 -22.00
N THR A 306 -18.05 -5.80 -22.97
CA THR A 306 -17.39 -5.90 -24.27
C THR A 306 -15.94 -5.42 -24.15
N VAL A 307 -15.00 -6.32 -24.44
CA VAL A 307 -13.60 -5.94 -24.47
C VAL A 307 -13.36 -5.09 -25.71
N LEU A 308 -12.97 -3.82 -25.49
CA LEU A 308 -12.93 -2.85 -26.57
C LEU A 308 -11.62 -2.89 -27.36
N ALA A 309 -10.49 -2.75 -26.67
CA ALA A 309 -9.20 -2.64 -27.34
C ALA A 309 -8.14 -3.39 -26.54
N VAL A 310 -6.93 -3.45 -27.08
CA VAL A 310 -5.79 -4.07 -26.43
C VAL A 310 -4.95 -2.95 -25.82
N THR A 311 -4.89 -2.91 -24.50
CA THR A 311 -4.11 -1.90 -23.80
C THR A 311 -2.62 -2.09 -24.08
N GLU A 312 -1.85 -1.01 -23.90
CA GLU A 312 -0.39 -1.09 -24.04
C GLU A 312 0.18 -2.21 -23.20
N THR A 313 -0.36 -2.43 -22.00
CA THR A 313 0.05 -3.54 -21.16
C THR A 313 -0.74 -4.81 -21.44
N GLY A 314 -1.93 -4.70 -22.02
CA GLY A 314 -2.77 -5.84 -22.29
C GLY A 314 -3.51 -6.39 -21.08
N ASP A 315 -3.21 -5.89 -19.89
CA ASP A 315 -3.85 -6.35 -18.66
C ASP A 315 -5.07 -5.48 -18.39
N ILE A 316 -6.25 -6.07 -18.48
CA ILE A 316 -7.51 -5.39 -18.19
C ILE A 316 -8.03 -5.96 -16.86
N ASP A 317 -8.05 -5.12 -15.84
CA ASP A 317 -8.48 -5.51 -14.51
C ASP A 317 -9.79 -4.84 -14.16
N ASN A 318 -10.35 -5.30 -13.03
CA ASN A 318 -11.61 -4.78 -12.46
C ASN A 318 -11.37 -4.75 -10.96
N PRO A 319 -10.67 -3.78 -10.34
CA PRO A 319 -10.46 -3.82 -8.89
C PRO A 319 -11.65 -3.26 -8.12
N GLY A 320 -11.47 -3.05 -6.83
CA GLY A 320 -12.51 -2.43 -6.03
C GLY A 320 -12.46 -0.93 -6.09
N SER A 321 -13.62 -0.30 -5.83
CA SER A 321 -13.75 1.14 -5.79
C SER A 321 -14.55 1.53 -4.57
N GLU A 322 -14.08 2.55 -3.85
CA GLU A 322 -14.76 2.99 -2.64
C GLU A 322 -16.07 3.69 -2.93
N GLY A 323 -16.28 4.12 -4.18
CA GLY A 323 -17.52 4.74 -4.58
C GLY A 323 -17.62 4.84 -6.09
N PRO A 324 -18.69 5.47 -6.58
CA PRO A 324 -18.79 5.70 -8.04
C PRO A 324 -17.84 6.78 -8.53
N ASP A 325 -16.81 7.08 -7.73
CA ASP A 325 -15.83 8.09 -8.12
C ASP A 325 -14.97 7.58 -9.28
N LYS A 326 -14.21 6.53 -9.06
CA LYS A 326 -13.24 6.01 -10.00
C LYS A 326 -13.56 4.56 -10.37
N PRO A 327 -12.98 4.04 -11.45
CA PRO A 327 -13.29 2.66 -11.88
C PRO A 327 -13.11 1.64 -10.77
N GLY A 328 -13.97 0.61 -10.80
CA GLY A 328 -13.97 -0.44 -9.81
C GLY A 328 -15.37 -0.81 -9.35
N TYR A 329 -15.48 -1.80 -8.47
CA TYR A 329 -16.78 -2.26 -7.97
C TYR A 329 -16.84 -2.18 -6.46
N GLY A 330 -18.05 -2.01 -5.92
CA GLY A 330 -18.26 -1.88 -4.50
C GLY A 330 -19.72 -2.12 -4.14
N SER A 331 -20.01 -2.01 -2.85
CA SER A 331 -21.34 -2.29 -2.31
C SER A 331 -21.80 -1.14 -1.43
N GLU A 332 -23.09 -1.18 -1.07
CA GLU A 332 -23.68 -0.15 -0.23
C GLU A 332 -24.93 -0.71 0.43
N PHE A 333 -24.96 -0.68 1.77
CA PHE A 333 -26.13 -1.11 2.54
C PHE A 333 -26.44 -0.04 3.58
N ASN A 334 -27.62 0.58 3.46
CA ASN A 334 -28.08 1.61 4.40
C ASN A 334 -27.09 2.76 4.53
N GLY A 335 -26.38 3.07 3.45
CA GLY A 335 -25.40 4.14 3.47
C GLY A 335 -23.99 3.71 3.83
N GLY A 336 -23.78 2.44 4.17
CA GLY A 336 -22.45 1.95 4.47
C GLY A 336 -21.79 1.29 3.28
N THR A 337 -20.75 1.93 2.75
CA THR A 337 -20.10 1.49 1.53
C THR A 337 -18.79 0.76 1.83
N THR A 338 -18.30 0.05 0.81
CA THR A 338 -17.04 -0.67 0.89
C THR A 338 -16.57 -0.95 -0.53
N PRO A 339 -15.26 -0.95 -0.76
CA PRO A 339 -14.74 -1.37 -2.07
C PRO A 339 -14.64 -2.90 -2.15
N GLY A 340 -14.46 -3.38 -3.37
CA GLY A 340 -14.31 -4.81 -3.58
C GLY A 340 -12.99 -5.32 -3.06
N GLY A 341 -12.92 -6.64 -2.90
CA GLY A 341 -11.73 -7.28 -2.38
C GLY A 341 -10.82 -7.85 -3.46
N THR A 342 -11.32 -8.85 -4.19
CA THR A 342 -10.52 -9.53 -5.20
C THR A 342 -10.50 -8.72 -6.51
N THR A 343 -9.46 -8.96 -7.29
CA THR A 343 -9.25 -8.26 -8.56
C THR A 343 -8.97 -9.27 -9.67
N PRO A 344 -9.96 -9.58 -10.50
CA PRO A 344 -9.72 -10.49 -11.62
C PRO A 344 -9.04 -9.76 -12.78
N HIS A 345 -8.55 -10.55 -13.74
CA HIS A 345 -7.84 -10.03 -14.89
C HIS A 345 -8.28 -10.76 -16.15
N THR A 346 -8.22 -10.05 -17.28
CA THR A 346 -8.37 -10.64 -18.59
C THR A 346 -7.25 -10.12 -19.47
N TYR A 347 -6.49 -11.03 -20.06
CA TYR A 347 -5.28 -10.69 -20.81
C TYR A 347 -5.54 -10.81 -22.30
N TRP A 348 -5.08 -9.82 -23.06
CA TRP A 348 -5.27 -9.78 -24.50
C TRP A 348 -4.00 -9.27 -25.18
N GLY A 349 -3.63 -9.90 -26.29
CA GLY A 349 -2.46 -9.54 -27.04
C GLY A 349 -2.81 -9.22 -28.49
N GLN A 350 -1.75 -8.96 -29.27
CA GLN A 350 -1.90 -8.57 -30.66
C GLN A 350 -1.05 -9.47 -31.55
N LEU A 351 -1.31 -9.37 -32.86
CA LEU A 351 -0.58 -10.16 -33.85
C LEU A 351 -0.81 -9.54 -35.22
N THR A 352 0.28 -9.27 -35.93
CA THR A 352 0.22 -8.78 -37.31
C THR A 352 1.07 -9.69 -38.20
N VAL A 353 0.61 -9.85 -39.44
CA VAL A 353 1.25 -10.77 -40.39
C VAL A 353 1.63 -10.00 -41.64
N ASN A 354 2.85 -10.21 -42.12
CA ASN A 354 3.35 -9.60 -43.34
C ASN A 354 3.54 -10.66 -44.41
N LYS A 355 3.00 -10.40 -45.61
CA LYS A 355 3.11 -11.41 -46.69
C LYS A 355 4.28 -11.08 -47.60
N GLY A 356 4.98 -12.11 -48.03
CA GLY A 356 6.10 -11.98 -48.94
C GLY A 356 6.36 -13.29 -49.65
N ASP A 357 7.20 -13.19 -50.69
CA ASP A 357 7.66 -14.37 -51.40
C ASP A 357 8.75 -15.06 -50.58
N THR A 358 9.29 -16.16 -51.11
CA THR A 358 10.35 -16.88 -50.42
C THR A 358 11.58 -16.00 -50.28
N GLY A 359 11.91 -15.63 -49.05
CA GLY A 359 13.01 -14.72 -48.76
C GLY A 359 12.58 -13.34 -48.33
N MET A 360 11.28 -13.02 -48.41
CA MET A 360 10.74 -11.74 -47.97
C MET A 360 11.34 -10.56 -48.73
N VAL A 361 11.68 -10.77 -50.01
CA VAL A 361 12.21 -9.69 -50.82
C VAL A 361 11.10 -8.90 -51.51
N ASN A 362 9.98 -9.54 -51.82
CA ASN A 362 8.84 -8.89 -52.45
C ASN A 362 7.60 -9.12 -51.60
N LYS A 363 6.85 -8.06 -51.32
CA LYS A 363 5.62 -8.15 -50.55
C LYS A 363 4.45 -8.40 -51.50
N LEU A 364 3.63 -9.39 -51.18
CA LEU A 364 2.59 -9.86 -52.07
C LEU A 364 1.20 -9.52 -51.53
N ALA A 365 0.25 -9.36 -52.44
CA ALA A 365 -1.12 -9.00 -52.12
C ALA A 365 -2.05 -10.18 -52.40
N GLY A 366 -3.21 -10.15 -51.73
CA GLY A 366 -4.27 -11.10 -51.99
C GLY A 366 -4.17 -12.42 -51.27
N ALA A 367 -3.12 -12.67 -50.49
CA ALA A 367 -3.01 -13.91 -49.76
C ALA A 367 -3.98 -13.91 -48.58
N GLU A 368 -4.78 -14.97 -48.47
CA GLU A 368 -5.82 -15.07 -47.46
C GLU A 368 -5.33 -15.94 -46.30
N PHE A 369 -5.57 -15.47 -45.08
CA PHE A 369 -5.13 -16.13 -43.87
C PHE A 369 -6.30 -16.41 -42.94
N ALA A 370 -6.06 -17.30 -41.98
CA ALA A 370 -7.07 -17.67 -41.00
C ALA A 370 -6.38 -18.16 -39.74
N VAL A 371 -6.93 -17.81 -38.59
CA VAL A 371 -6.38 -18.19 -37.29
C VAL A 371 -7.35 -19.16 -36.62
N PHE A 372 -6.81 -20.26 -36.09
CA PHE A 372 -7.59 -21.27 -35.41
C PHE A 372 -7.07 -21.45 -33.98
N ASN A 373 -7.95 -21.91 -33.10
CA ASN A 373 -7.59 -22.24 -31.72
C ASN A 373 -7.64 -23.76 -31.60
N ASN A 374 -6.52 -24.40 -31.99
CA ASN A 374 -6.49 -25.87 -32.04
C ASN A 374 -5.09 -26.42 -31.77
N ALA A 375 -4.28 -25.70 -31.00
CA ALA A 375 -2.93 -26.16 -30.70
C ALA A 375 -2.95 -27.21 -29.59
N GLU A 376 -1.98 -28.11 -29.64
CA GLU A 376 -1.83 -29.16 -28.62
C GLU A 376 -0.34 -29.31 -28.31
N ASN A 377 0.09 -28.74 -27.19
CA ASN A 377 1.47 -28.85 -26.72
C ASN A 377 2.48 -28.33 -27.75
N GLY A 378 2.06 -27.38 -28.58
CA GLY A 378 2.94 -26.77 -29.54
C GLY A 378 2.89 -27.35 -30.95
N VAL A 379 1.84 -28.07 -31.31
CA VAL A 379 1.69 -28.60 -32.65
C VAL A 379 0.39 -28.08 -33.25
N CYS A 380 0.39 -27.91 -34.56
CA CYS A 380 -0.79 -27.49 -35.30
C CYS A 380 -1.05 -28.48 -36.44
N ALA A 381 -2.32 -28.55 -36.86
CA ALA A 381 -2.68 -29.42 -37.97
C ALA A 381 -1.91 -29.00 -39.23
N PRO A 382 -1.69 -29.93 -40.17
CA PRO A 382 -0.93 -29.56 -41.37
C PRO A 382 -1.56 -28.42 -42.16
N GLU A 383 -2.87 -28.47 -42.38
CA GLU A 383 -3.62 -27.37 -42.96
C GLU A 383 -4.89 -27.16 -42.15
N ALA A 384 -5.63 -26.11 -42.47
CA ALA A 384 -6.72 -25.65 -41.63
C ALA A 384 -7.84 -26.68 -41.56
N PRO A 385 -8.34 -27.02 -40.37
CA PRO A 385 -9.55 -27.82 -40.28
C PRO A 385 -10.74 -27.04 -40.84
N GLU A 386 -11.70 -27.77 -41.38
CA GLU A 386 -12.84 -27.16 -42.05
C GLU A 386 -13.89 -26.61 -41.09
N THR A 387 -13.60 -26.55 -39.79
CA THR A 387 -14.50 -25.90 -38.85
C THR A 387 -14.46 -24.38 -39.05
N ASP A 388 -15.32 -23.68 -38.32
CA ASP A 388 -15.37 -22.23 -38.43
C ASP A 388 -14.14 -21.62 -37.76
N ALA A 389 -13.46 -20.73 -38.49
CA ALA A 389 -12.22 -20.15 -38.00
C ALA A 389 -12.51 -19.06 -36.96
N ILE A 390 -11.46 -18.71 -36.21
CA ILE A 390 -11.57 -17.64 -35.21
C ILE A 390 -11.53 -16.28 -35.89
N ALA A 391 -10.60 -16.09 -36.82
CA ALA A 391 -10.46 -14.83 -37.54
C ALA A 391 -9.81 -15.10 -38.89
N THR A 392 -10.29 -14.36 -39.90
CA THR A 392 -9.76 -14.46 -41.25
C THR A 392 -9.26 -13.08 -41.71
N GLY A 393 -8.37 -13.10 -42.70
CA GLY A 393 -7.81 -11.86 -43.21
C GLY A 393 -7.16 -12.06 -44.56
N VAL A 394 -6.92 -10.94 -45.24
CA VAL A 394 -6.28 -10.93 -46.55
C VAL A 394 -5.17 -9.89 -46.54
N SER A 395 -4.20 -10.07 -47.43
CA SER A 395 -3.11 -9.13 -47.56
C SER A 395 -3.51 -7.99 -48.49
N ASP A 396 -2.94 -6.81 -48.24
CA ASP A 396 -3.27 -5.61 -49.00
C ASP A 396 -2.11 -5.26 -49.94
N ALA A 397 -2.03 -3.96 -50.31
CA ALA A 397 -1.05 -3.53 -51.29
C ALA A 397 0.37 -3.83 -50.84
N GLU A 398 0.75 -3.39 -49.64
CA GLU A 398 2.09 -3.63 -49.12
C GLU A 398 2.20 -4.96 -48.37
N GLY A 399 1.28 -5.88 -48.62
CA GLY A 399 1.39 -7.22 -48.09
C GLY A 399 1.08 -7.38 -46.62
N VAL A 400 0.51 -6.37 -45.96
CA VAL A 400 0.15 -6.46 -44.56
C VAL A 400 -1.27 -7.03 -44.47
N VAL A 401 -1.42 -8.12 -43.73
CA VAL A 401 -2.70 -8.81 -43.63
C VAL A 401 -3.66 -7.93 -42.82
N ARG A 402 -4.61 -7.29 -43.51
CA ARG A 402 -5.69 -6.57 -42.86
C ARG A 402 -6.82 -7.55 -42.55
N TRP A 403 -7.27 -7.56 -41.30
CA TRP A 403 -8.19 -8.57 -40.82
C TRP A 403 -9.64 -8.08 -40.88
N ASN A 404 -10.54 -9.03 -41.10
CA ASN A 404 -11.96 -8.74 -41.23
C ASN A 404 -12.67 -8.85 -39.89
N ASP A 405 -13.80 -8.14 -39.79
CA ASP A 405 -14.75 -8.26 -38.68
C ASP A 405 -14.14 -7.87 -37.33
N VAL A 406 -13.01 -7.17 -37.32
CA VAL A 406 -12.38 -6.74 -36.08
C VAL A 406 -11.87 -5.31 -36.25
N THR A 407 -11.84 -4.59 -35.14
CA THR A 407 -11.39 -3.21 -35.12
C THR A 407 -10.16 -3.08 -34.24
N PRO A 408 -9.04 -2.53 -34.75
CA PRO A 408 -8.91 -2.04 -36.13
C PRO A 408 -8.52 -3.13 -37.12
N ASP A 409 -8.12 -2.72 -38.32
CA ASP A 409 -7.69 -3.70 -39.33
C ASP A 409 -6.41 -4.40 -38.91
N ASN A 410 -5.40 -3.63 -38.50
CA ASN A 410 -4.10 -4.18 -38.14
C ASN A 410 -3.59 -3.46 -36.90
N PRO A 411 -3.06 -4.21 -35.91
CA PRO A 411 -2.95 -5.67 -35.91
C PRO A 411 -4.26 -6.37 -35.52
N LEU A 412 -4.14 -7.63 -35.11
CA LEU A 412 -5.28 -8.44 -34.71
C LEU A 412 -5.19 -8.76 -33.24
N GLY A 413 -6.25 -8.44 -32.49
CA GLY A 413 -6.28 -8.65 -31.06
C GLY A 413 -6.96 -9.96 -30.70
N LEU A 414 -6.20 -10.85 -30.08
CA LEU A 414 -6.69 -12.18 -29.71
C LEU A 414 -6.62 -12.36 -28.21
N TRP A 415 -7.52 -13.21 -27.70
CA TRP A 415 -7.58 -13.52 -26.28
C TRP A 415 -6.41 -14.40 -25.86
N ILE A 416 -6.01 -14.28 -24.60
CA ILE A 416 -4.87 -15.03 -24.08
C ILE A 416 -5.31 -15.92 -22.93
N ALA A 417 -5.60 -15.32 -21.78
CA ALA A 417 -5.98 -16.08 -20.60
C ALA A 417 -6.79 -15.19 -19.66
N ASN A 418 -7.65 -15.83 -18.87
CA ASN A 418 -8.40 -15.16 -17.82
C ASN A 418 -8.00 -15.73 -16.47
N SER A 419 -7.97 -14.88 -15.46
CA SER A 419 -7.56 -15.30 -14.13
C SER A 419 -8.40 -14.58 -13.09
N SER A 420 -9.03 -15.36 -12.20
CA SER A 420 -9.69 -14.84 -11.03
C SER A 420 -8.87 -15.01 -9.77
N ASP A 421 -7.76 -15.74 -9.85
CA ASP A 421 -6.91 -16.02 -8.69
C ASP A 421 -5.60 -15.26 -8.80
N GLY A 422 -5.73 -13.94 -8.86
CA GLY A 422 -4.59 -13.06 -8.88
C GLY A 422 -3.99 -12.90 -10.27
N GLU A 423 -2.86 -12.19 -10.31
CA GLU A 423 -2.19 -11.90 -11.56
C GLU A 423 -1.53 -13.17 -12.11
N ILE A 424 -1.22 -13.12 -13.40
CA ILE A 424 -0.47 -14.17 -14.09
C ILE A 424 0.85 -13.59 -14.54
N ALA A 425 1.94 -14.29 -14.24
CA ALA A 425 3.27 -13.89 -14.68
C ALA A 425 3.54 -14.52 -16.04
N ASN A 426 3.80 -13.69 -17.04
CA ASN A 426 4.06 -14.10 -18.42
C ASN A 426 2.92 -14.97 -18.96
N PRO A 427 1.74 -14.38 -19.20
CA PRO A 427 0.67 -15.16 -19.82
C PRO A 427 0.87 -15.30 -21.32
N ASN A 428 0.47 -16.46 -21.85
CA ASN A 428 0.63 -16.71 -23.27
C ASN A 428 -0.33 -17.81 -23.70
N LYS A 429 -0.86 -17.68 -24.92
CA LYS A 429 -1.71 -18.69 -25.54
C LYS A 429 -1.23 -18.94 -26.96
N ASP A 430 -1.29 -20.19 -27.39
CA ASP A 430 -0.86 -20.60 -28.72
C ASP A 430 -2.06 -20.65 -29.66
N TYR A 431 -1.89 -20.07 -30.84
CA TYR A 431 -2.85 -20.18 -31.93
C TYR A 431 -2.16 -20.79 -33.14
N CYS A 432 -2.97 -21.17 -34.14
CA CYS A 432 -2.46 -21.74 -35.37
C CYS A 432 -2.83 -20.82 -36.53
N LEU A 433 -1.84 -20.44 -37.34
CA LEU A 433 -2.02 -19.57 -38.48
C LEU A 433 -1.91 -20.37 -39.76
N TYR A 434 -2.91 -20.23 -40.64
CA TYR A 434 -2.93 -20.93 -41.91
C TYR A 434 -3.10 -19.93 -43.05
N GLU A 435 -2.48 -20.22 -44.18
CA GLU A 435 -2.72 -19.49 -45.41
C GLU A 435 -3.68 -20.30 -46.26
N THR A 436 -4.86 -19.73 -46.53
CA THR A 436 -5.89 -20.46 -47.26
C THR A 436 -5.78 -20.26 -48.76
N LYS A 437 -5.54 -19.04 -49.22
CA LYS A 437 -5.38 -18.75 -50.64
C LYS A 437 -4.05 -18.05 -50.86
N ALA A 438 -3.20 -18.63 -51.70
CA ALA A 438 -1.92 -18.04 -52.04
C ALA A 438 -2.04 -17.19 -53.30
N PRO A 439 -1.19 -16.18 -53.48
CA PRO A 439 -1.24 -15.38 -54.70
C PRO A 439 -1.02 -16.24 -55.94
N SER A 440 -1.58 -15.79 -57.06
CA SER A 440 -1.49 -16.55 -58.31
C SER A 440 -0.03 -16.70 -58.71
N GLY A 441 0.41 -17.94 -58.83
CA GLY A 441 1.79 -18.22 -59.15
C GLY A 441 2.69 -18.47 -57.95
N TYR A 442 2.13 -18.72 -56.78
CA TYR A 442 2.90 -18.99 -55.58
C TYR A 442 2.28 -20.16 -54.83
N VAL A 443 3.13 -20.92 -54.15
CA VAL A 443 2.71 -22.06 -53.34
C VAL A 443 2.71 -21.62 -51.88
N ALA A 444 1.57 -21.77 -51.21
CA ALA A 444 1.40 -21.26 -49.86
C ALA A 444 2.39 -21.91 -48.90
N GLY A 445 2.79 -21.13 -47.89
CA GLY A 445 3.75 -21.59 -46.91
C GLY A 445 3.12 -22.50 -45.89
N PRO A 446 3.97 -23.16 -45.10
CA PRO A 446 3.47 -24.10 -44.09
C PRO A 446 2.86 -23.39 -42.89
N VAL A 447 2.16 -24.19 -42.08
CA VAL A 447 1.45 -23.65 -40.92
C VAL A 447 2.45 -23.18 -39.87
N GLN A 448 2.14 -22.04 -39.24
CA GLN A 448 2.93 -21.52 -38.14
C GLN A 448 2.05 -21.43 -36.89
N LYS A 449 2.53 -22.01 -35.79
CA LYS A 449 1.94 -21.74 -34.49
C LYS A 449 2.44 -20.40 -33.98
N VAL A 450 1.56 -19.65 -33.32
CA VAL A 450 1.87 -18.29 -32.88
C VAL A 450 1.61 -18.19 -31.39
N ASN A 451 2.57 -17.66 -30.64
CA ASN A 451 2.45 -17.45 -29.21
C ASN A 451 2.18 -15.97 -28.96
N ILE A 452 1.11 -15.67 -28.24
CA ILE A 452 0.63 -14.31 -28.05
C ILE A 452 0.83 -13.91 -26.59
N THR A 453 1.53 -12.80 -26.39
CA THR A 453 1.80 -12.23 -25.07
C THR A 453 1.04 -10.91 -24.89
N PRO A 454 0.69 -10.56 -23.66
CA PRO A 454 -0.19 -9.39 -23.46
C PRO A 454 0.49 -8.09 -23.88
N GLY A 455 -0.34 -7.15 -24.31
CA GLY A 455 0.12 -5.80 -24.59
C GLY A 455 0.29 -5.48 -26.06
N THR A 456 -0.03 -4.24 -26.44
CA THR A 456 0.22 -3.82 -27.81
C THR A 456 1.70 -3.61 -28.09
N THR A 457 2.51 -3.49 -27.04
CA THR A 457 3.96 -3.41 -27.22
C THR A 457 4.55 -4.78 -27.53
N ALA A 458 3.98 -5.84 -26.98
CA ALA A 458 4.44 -7.21 -27.20
C ALA A 458 3.77 -7.86 -28.40
N LYS A 459 3.36 -7.08 -29.40
CA LYS A 459 2.71 -7.65 -30.56
C LYS A 459 3.66 -8.59 -31.29
N LEU A 460 3.12 -9.71 -31.78
CA LEU A 460 3.90 -10.70 -32.50
C LEU A 460 3.81 -10.40 -33.99
N VAL A 461 4.96 -10.19 -34.63
CA VAL A 461 5.03 -9.92 -36.05
C VAL A 461 5.49 -11.19 -36.75
N VAL A 462 4.65 -11.72 -37.64
CA VAL A 462 4.94 -12.95 -38.37
C VAL A 462 5.20 -12.58 -39.83
N ASP A 463 6.34 -13.00 -40.34
CA ASP A 463 6.67 -12.85 -41.76
C ASP A 463 6.36 -14.19 -42.43
N PHE A 464 5.17 -14.28 -43.03
CA PHE A 464 4.69 -15.51 -43.66
C PHE A 464 5.08 -15.48 -45.14
N GLU A 465 6.03 -16.31 -45.53
CA GLU A 465 6.59 -16.29 -46.88
C GLU A 465 6.17 -17.54 -47.66
N ASN A 466 6.13 -17.37 -48.98
CA ASN A 466 5.64 -18.44 -49.89
C ASN A 466 6.67 -18.78 -50.98
N THR A 467 6.90 -20.07 -51.28
CA THR A 467 7.76 -20.45 -52.38
C THR A 467 7.05 -20.20 -53.71
N LYS A 468 7.83 -19.93 -54.75
CA LYS A 468 7.29 -19.45 -56.03
C LYS A 468 6.78 -20.60 -56.91
N LYS A 469 7.70 -21.38 -57.47
CA LYS A 469 7.32 -22.42 -58.44
C LYS A 469 6.43 -23.48 -57.80
N GLN B 36 33.53 -28.42 -30.27
CA GLN B 36 32.71 -27.21 -30.14
C GLN B 36 32.01 -26.89 -31.46
N ALA B 37 30.84 -26.27 -31.36
CA ALA B 37 30.06 -25.93 -32.55
C ALA B 37 30.63 -24.68 -33.22
N THR B 38 30.72 -24.73 -34.54
CA THR B 38 31.20 -23.62 -35.35
C THR B 38 30.16 -23.24 -36.38
N ALA B 39 30.40 -22.12 -37.06
CA ALA B 39 29.50 -21.63 -38.10
C ALA B 39 30.34 -21.10 -39.26
N VAL B 40 29.65 -20.61 -40.29
CA VAL B 40 30.29 -20.09 -41.49
C VAL B 40 29.84 -18.65 -41.70
N GLY B 41 30.45 -17.99 -42.68
CA GLY B 41 30.17 -16.61 -42.98
C GLY B 41 28.74 -16.37 -43.39
N PRO B 42 28.31 -15.10 -43.36
CA PRO B 42 26.90 -14.79 -43.65
C PRO B 42 26.49 -14.97 -45.10
N ASP B 43 27.43 -15.21 -46.02
CA ASP B 43 27.10 -15.39 -47.43
C ASP B 43 27.52 -16.75 -47.97
N GLN B 44 27.85 -17.69 -47.10
CA GLN B 44 28.31 -19.00 -47.52
C GLN B 44 27.16 -20.01 -47.53
N PRO B 45 27.28 -21.09 -48.31
CA PRO B 45 26.26 -22.14 -48.26
C PRO B 45 26.15 -22.73 -46.86
N GLY B 46 24.92 -22.87 -46.39
CA GLY B 46 24.68 -23.33 -45.03
C GLY B 46 24.66 -22.25 -43.99
N ALA B 47 24.50 -20.99 -44.38
CA ALA B 47 24.48 -19.87 -43.44
C ALA B 47 23.05 -19.57 -43.01
N PRO B 48 22.80 -19.38 -41.72
CA PRO B 48 21.44 -19.05 -41.28
C PRO B 48 21.00 -17.69 -41.79
N THR B 49 19.68 -17.53 -41.86
CA THR B 49 19.09 -16.27 -42.29
C THR B 49 18.81 -15.33 -41.13
N HIS B 50 18.77 -15.84 -39.90
CA HIS B 50 18.45 -15.03 -38.73
C HIS B 50 19.33 -15.45 -37.57
N GLY B 51 19.42 -14.56 -36.59
CA GLY B 51 20.17 -14.84 -35.37
C GLY B 51 19.40 -14.46 -34.12
N SER B 52 20.10 -14.28 -33.01
CA SER B 52 19.44 -13.90 -31.77
C SER B 52 20.39 -13.08 -30.91
N LEU B 53 19.81 -12.37 -29.94
CA LEU B 53 20.56 -11.59 -28.96
C LEU B 53 19.92 -11.85 -27.60
N THR B 54 20.55 -12.71 -26.80
CA THR B 54 20.03 -13.10 -25.50
C THR B 54 20.77 -12.32 -24.42
N VAL B 55 20.03 -11.55 -23.63
CA VAL B 55 20.60 -10.72 -22.57
C VAL B 55 20.44 -11.45 -21.25
N HIS B 56 21.56 -11.76 -20.59
CA HIS B 56 21.57 -12.35 -19.27
C HIS B 56 21.97 -11.27 -18.28
N LYS B 57 21.03 -10.85 -17.43
CA LYS B 57 21.31 -9.71 -16.53
C LYS B 57 21.72 -10.18 -15.14
N TYR B 58 22.71 -9.50 -14.57
CA TYR B 58 23.23 -9.77 -13.24
C TYR B 58 23.58 -8.44 -12.57
N VAL B 59 23.55 -8.44 -11.24
CA VAL B 59 23.86 -7.26 -10.44
C VAL B 59 25.26 -7.40 -9.89
N GLY B 60 26.10 -6.39 -10.11
CA GLY B 60 27.48 -6.42 -9.65
C GLY B 60 28.49 -6.29 -10.76
N ASN B 64 34.98 -9.60 -17.91
CA ASN B 64 33.99 -10.15 -18.83
C ASN B 64 33.53 -9.11 -19.84
N ALA B 65 34.47 -8.67 -20.68
CA ALA B 65 34.16 -7.61 -21.63
C ALA B 65 33.12 -8.05 -22.65
N GLY B 66 33.40 -9.11 -23.40
CA GLY B 66 32.48 -9.56 -24.42
C GLY B 66 32.64 -10.99 -24.90
N THR B 67 33.31 -11.15 -26.05
CA THR B 67 33.45 -12.40 -26.79
C THR B 67 32.14 -12.80 -27.45
N GLY B 68 31.08 -13.01 -26.66
CA GLY B 68 29.73 -13.13 -27.19
C GLY B 68 29.05 -14.45 -26.97
N GLU B 69 29.82 -15.49 -26.70
CA GLU B 69 29.21 -16.82 -26.54
C GLU B 69 28.50 -16.94 -25.19
N GLU B 70 27.84 -18.07 -24.96
CA GLU B 70 27.21 -18.33 -23.67
C GLU B 70 28.18 -19.14 -22.81
N ILE B 71 28.69 -18.50 -21.75
CA ILE B 71 29.48 -19.18 -20.73
C ILE B 71 28.55 -19.54 -19.58
N SER B 72 28.49 -20.82 -19.24
CA SER B 72 27.55 -21.32 -18.25
C SER B 72 27.96 -21.01 -16.82
N VAL B 73 29.02 -20.22 -16.62
CA VAL B 73 29.44 -19.80 -15.29
C VAL B 73 28.77 -18.45 -15.00
N PRO B 74 27.68 -18.42 -14.22
CA PRO B 74 26.94 -17.17 -14.05
C PRO B 74 27.66 -16.17 -13.17
N GLY B 75 27.97 -16.59 -11.94
CA GLY B 75 28.55 -15.68 -10.96
C GLY B 75 27.59 -15.46 -9.80
N GLY B 76 26.31 -15.34 -10.09
CA GLY B 76 25.28 -15.18 -9.09
C GLY B 76 24.52 -13.87 -9.23
N GLN B 77 23.40 -13.82 -8.50
CA GLN B 77 22.55 -12.64 -8.38
C GLN B 77 21.89 -12.13 -9.67
N PRO B 78 20.98 -12.90 -10.26
CA PRO B 78 20.17 -12.38 -11.37
C PRO B 78 19.32 -11.16 -11.02
N LEU B 79 18.88 -10.47 -12.07
CA LEU B 79 18.06 -9.27 -11.93
C LEU B 79 16.82 -9.40 -12.80
N GLU B 80 15.66 -9.13 -12.20
CA GLU B 80 14.39 -9.09 -12.92
C GLU B 80 13.88 -7.65 -12.96
N GLY B 81 13.29 -7.28 -14.09
CA GLY B 81 12.72 -5.96 -14.26
C GLY B 81 13.54 -5.01 -15.11
N ALA B 82 14.53 -5.51 -15.83
CA ALA B 82 15.41 -4.68 -16.65
C ALA B 82 14.90 -4.70 -18.09
N GLU B 83 14.62 -3.53 -18.64
CA GLU B 83 14.05 -3.38 -19.98
C GLU B 83 15.13 -2.94 -20.95
N PHE B 84 15.29 -3.70 -22.03
CA PHE B 84 16.20 -3.37 -23.11
C PHE B 84 15.40 -3.14 -24.38
N THR B 85 15.66 -2.02 -25.06
CA THR B 85 15.05 -1.72 -26.34
C THR B 85 16.12 -1.81 -27.42
N ILE B 86 15.80 -2.54 -28.50
CA ILE B 86 16.74 -2.78 -29.58
C ILE B 86 16.23 -2.12 -30.85
N TRP B 87 17.13 -1.45 -31.56
CA TRP B 87 16.82 -0.78 -32.82
C TRP B 87 17.68 -1.38 -33.92
N ARG B 88 17.05 -1.81 -35.01
CA ARG B 88 17.82 -2.21 -36.19
C ARG B 88 18.25 -0.98 -36.95
N LEU B 89 19.53 -0.93 -37.31
CA LEU B 89 20.10 0.24 -37.94
C LEU B 89 20.06 0.12 -39.46
N GLY B 90 19.87 1.26 -40.12
CA GLY B 90 19.90 1.33 -41.57
C GLY B 90 20.92 2.34 -42.06
N THR B 91 20.85 2.70 -43.33
CA THR B 91 21.77 3.66 -43.92
C THR B 91 20.98 4.79 -44.57
N ASN B 92 21.47 6.00 -44.40
CA ASN B 92 20.73 7.18 -44.91
C ASN B 92 20.98 7.30 -46.42
N ASP B 95 18.44 9.21 -49.48
CA ASP B 95 17.39 8.49 -50.24
C ASP B 95 16.32 7.98 -49.27
N SER B 96 16.64 6.95 -48.49
CA SER B 96 15.70 6.31 -47.59
C SER B 96 16.47 5.43 -46.63
N CYS B 97 15.80 5.04 -45.54
CA CYS B 97 16.43 4.20 -44.53
C CYS B 97 16.37 2.76 -44.99
N GLU B 98 17.46 2.30 -45.63
CA GLU B 98 17.55 0.92 -46.12
C GLU B 98 18.25 0.06 -45.09
N PRO B 99 17.66 -1.08 -44.71
CA PRO B 99 18.24 -1.89 -43.63
C PRO B 99 19.60 -2.44 -44.00
N ILE B 100 20.52 -2.43 -43.02
CA ILE B 100 21.83 -3.03 -43.21
C ILE B 100 21.66 -4.54 -43.30
N ASP B 101 22.05 -5.12 -44.43
CA ASP B 101 21.96 -6.54 -44.67
C ASP B 101 23.38 -7.11 -44.65
N LEU B 102 23.73 -7.79 -43.56
CA LEU B 102 25.07 -8.31 -43.38
C LEU B 102 25.36 -9.55 -44.23
N ALA B 103 24.45 -9.92 -45.12
CA ALA B 103 24.77 -10.87 -46.18
C ALA B 103 25.43 -10.21 -47.38
N ASN B 104 25.44 -8.88 -47.43
CA ASN B 104 26.09 -8.12 -48.49
C ASN B 104 27.44 -7.63 -48.00
N THR B 105 28.45 -7.76 -48.88
CA THR B 105 29.82 -7.42 -48.48
C THR B 105 29.97 -5.93 -48.18
N ASN B 106 29.33 -5.08 -48.98
CA ASN B 106 29.49 -3.64 -48.81
C ASN B 106 28.85 -3.12 -47.53
N ASP B 107 27.86 -3.84 -46.99
CA ASP B 107 27.22 -3.39 -45.75
C ASP B 107 28.14 -3.51 -44.55
N TRP B 108 29.20 -4.32 -44.64
CA TRP B 108 30.17 -4.39 -43.55
C TRP B 108 31.08 -3.17 -43.51
N ALA B 109 31.03 -2.31 -44.52
CA ALA B 109 31.78 -1.05 -44.46
C ALA B 109 31.12 -0.04 -43.53
N GLN B 110 29.86 -0.26 -43.16
CA GLN B 110 29.15 0.64 -42.26
C GLN B 110 29.29 0.26 -40.79
N VAL B 111 29.71 -0.96 -40.50
CA VAL B 111 29.78 -1.41 -39.11
C VAL B 111 30.91 -0.68 -38.39
N PRO B 112 30.64 -0.03 -37.26
CA PRO B 112 31.70 0.66 -36.53
C PRO B 112 32.60 -0.32 -35.78
N THR B 113 33.70 0.22 -35.27
CA THR B 113 34.73 -0.58 -34.62
C THR B 113 34.81 -0.40 -33.11
N GLY B 114 34.43 0.76 -32.59
CA GLY B 114 34.55 1.07 -31.18
C GLY B 114 33.25 0.90 -30.43
N ALA B 115 33.11 1.64 -29.33
CA ALA B 115 31.93 1.59 -28.49
C ALA B 115 30.86 2.52 -29.02
N ALA B 116 29.60 2.21 -28.68
CA ALA B 116 28.46 2.98 -29.15
C ALA B 116 28.28 4.24 -28.32
N PRO B 117 27.72 5.30 -28.92
CA PRO B 117 27.38 6.49 -28.13
C PRO B 117 26.34 6.18 -27.07
N ARG B 118 26.38 6.96 -25.99
CA ARG B 118 25.51 6.69 -24.84
C ARG B 118 24.08 7.16 -25.06
N GLU B 119 23.82 7.98 -26.07
CA GLU B 119 22.48 8.50 -26.32
C GLU B 119 22.05 8.17 -27.75
N LEU B 120 20.76 7.88 -27.91
CA LEU B 120 20.22 7.60 -29.24
C LEU B 120 20.29 8.83 -30.14
N SER B 121 20.36 10.03 -29.57
CA SER B 121 20.47 11.24 -30.38
C SER B 121 21.84 11.36 -31.02
N ALA B 122 22.88 10.86 -30.36
CA ALA B 122 24.22 10.91 -30.96
C ALA B 122 24.36 9.88 -32.07
N VAL B 123 23.63 8.77 -32.00
CA VAL B 123 23.66 7.78 -33.05
C VAL B 123 22.92 8.27 -34.30
N GLN B 124 22.05 9.27 -34.14
CA GLN B 124 21.29 9.80 -35.27
C GLN B 124 22.17 10.42 -36.35
N ASN B 125 23.45 10.69 -36.06
CA ASN B 125 24.33 11.30 -37.04
C ASN B 125 24.67 10.32 -38.16
N ASP B 126 25.11 9.12 -37.81
CA ASP B 126 25.61 8.14 -38.78
C ASP B 126 24.48 7.32 -39.41
N PHE B 127 23.67 6.67 -38.59
CA PHE B 127 22.68 5.70 -39.07
C PHE B 127 21.26 6.27 -38.97
N CYS B 128 20.30 5.45 -39.40
CA CYS B 128 18.88 5.75 -39.27
C CYS B 128 18.20 4.57 -38.60
N LEU B 129 16.98 4.79 -38.14
CA LEU B 129 16.20 3.78 -37.44
C LEU B 129 15.20 3.16 -38.40
N VAL B 130 15.26 1.83 -38.55
CA VAL B 130 14.31 1.12 -39.40
C VAL B 130 12.95 1.05 -38.72
N ASP B 131 12.91 0.51 -37.51
CA ASP B 131 11.70 0.45 -36.72
C ASP B 131 11.75 1.47 -35.58
N GLY B 132 10.63 1.60 -34.89
CA GLY B 132 10.55 2.49 -33.75
C GLY B 132 11.12 1.95 -32.46
N GLY B 133 11.80 0.81 -32.52
CA GLY B 133 12.34 0.18 -31.34
C GLY B 133 11.45 -0.94 -30.83
N THR B 134 12.07 -1.98 -30.30
CA THR B 134 11.35 -3.13 -29.74
C THR B 134 11.82 -3.32 -28.29
N ALA B 135 11.00 -2.87 -27.35
CA ALA B 135 11.36 -2.88 -25.94
C ALA B 135 10.82 -4.14 -25.27
N ARG B 136 11.69 -4.83 -24.53
CA ARG B 136 11.32 -6.01 -23.78
C ARG B 136 12.02 -5.98 -22.43
N THR B 137 11.32 -6.42 -21.40
CA THR B 137 11.88 -6.47 -20.05
C THR B 137 12.37 -7.88 -19.74
N THR B 138 13.39 -7.96 -18.88
CA THR B 138 13.93 -9.24 -18.50
C THR B 138 12.99 -9.95 -17.53
N ASN B 139 13.12 -11.27 -17.44
CA ASN B 139 12.19 -12.09 -16.67
C ASN B 139 12.79 -12.49 -15.32
N SER B 140 12.17 -13.49 -14.69
CA SER B 140 12.55 -13.91 -13.34
C SER B 140 13.99 -14.40 -13.30
N ALA B 141 14.42 -15.13 -14.33
CA ALA B 141 15.80 -15.63 -14.38
C ALA B 141 16.79 -14.57 -14.82
N GLY B 142 16.33 -13.37 -15.17
CA GLY B 142 17.23 -12.35 -15.68
C GLY B 142 17.68 -12.57 -17.10
N GLU B 143 16.88 -13.27 -17.90
CA GLU B 143 17.23 -13.59 -19.27
C GLU B 143 16.09 -13.24 -20.21
N TYR B 144 16.45 -12.89 -21.44
CA TYR B 144 15.47 -12.73 -22.51
C TYR B 144 16.19 -12.83 -23.85
N THR B 145 15.58 -13.52 -24.80
CA THR B 145 16.14 -13.74 -26.12
C THR B 145 15.31 -13.02 -27.16
N PHE B 146 15.96 -12.19 -27.98
CA PHE B 146 15.32 -11.54 -29.11
C PHE B 146 15.51 -12.43 -30.33
N GLY B 147 14.45 -13.13 -30.72
CA GLY B 147 14.54 -14.06 -31.82
C GLY B 147 14.21 -13.44 -33.17
N ASN B 148 14.61 -14.16 -34.23
CA ASN B 148 14.36 -13.75 -35.61
C ASN B 148 14.94 -12.36 -35.89
N LEU B 149 16.25 -12.26 -35.68
CA LEU B 149 16.99 -11.03 -35.95
C LEU B 149 17.60 -11.14 -37.35
N ASP B 150 17.11 -10.33 -38.27
CA ASP B 150 17.68 -10.31 -39.62
C ASP B 150 19.15 -9.92 -39.55
N LEU B 151 19.95 -10.52 -40.43
CA LEU B 151 21.38 -10.24 -40.47
C LEU B 151 21.59 -8.75 -40.69
N GLY B 152 22.02 -8.04 -39.65
CA GLY B 152 22.20 -6.62 -39.77
C GLY B 152 22.83 -6.05 -38.52
N LEU B 153 22.83 -4.71 -38.45
CA LEU B 153 23.41 -3.99 -37.33
C LEU B 153 22.30 -3.50 -36.40
N TYR B 154 22.59 -3.49 -35.10
CA TYR B 154 21.60 -3.13 -34.09
C TYR B 154 22.24 -2.22 -33.06
N TYR B 155 21.41 -1.34 -32.48
CA TYR B 155 21.82 -0.45 -31.40
C TYR B 155 20.96 -0.73 -30.18
N VAL B 156 21.60 -1.10 -29.08
CA VAL B 156 20.90 -1.56 -27.88
C VAL B 156 21.21 -0.61 -26.72
N GLN B 157 20.18 -0.29 -25.95
CA GLN B 157 20.36 0.49 -24.73
C GLN B 157 19.33 0.04 -23.71
N GLU B 158 19.69 0.19 -22.42
CA GLU B 158 18.79 -0.16 -21.32
C GLU B 158 17.89 1.03 -21.05
N THR B 159 16.63 0.93 -21.47
CA THR B 159 15.70 2.05 -21.40
C THR B 159 14.97 2.15 -20.07
N ASP B 160 14.84 1.06 -19.32
CA ASP B 160 14.15 1.10 -18.05
C ASP B 160 14.73 0.05 -17.12
N ALA B 161 14.65 0.32 -15.82
CA ALA B 161 15.18 -0.55 -14.79
C ALA B 161 14.44 -0.27 -13.50
N PRO B 162 14.50 -1.18 -12.52
CA PRO B 162 13.88 -0.90 -11.22
C PRO B 162 14.45 0.36 -10.60
N ALA B 163 13.65 1.00 -9.74
CA ALA B 163 14.11 2.19 -9.03
C ALA B 163 15.30 1.88 -8.13
N ASN B 164 15.50 0.61 -7.77
CA ASN B 164 16.63 0.21 -6.95
C ASN B 164 17.96 0.36 -7.68
N ILE B 165 17.95 0.40 -9.00
CA ILE B 165 19.17 0.46 -9.81
C ILE B 165 19.62 1.90 -9.93
N VAL B 166 20.90 2.15 -9.68
CA VAL B 166 21.47 3.48 -9.76
C VAL B 166 22.23 3.70 -11.07
N SER B 167 22.89 2.66 -11.58
CA SER B 167 23.72 2.77 -12.78
C SER B 167 23.42 1.60 -13.69
N ARG B 168 22.90 1.90 -14.88
CA ARG B 168 22.60 0.89 -15.88
C ARG B 168 23.78 0.74 -16.85
N THR B 169 23.72 -0.31 -17.65
CA THR B 169 24.80 -0.56 -18.60
C THR B 169 24.83 0.52 -19.68
N ALA B 170 25.98 0.65 -20.32
CA ALA B 170 26.13 1.63 -21.38
C ALA B 170 25.60 1.08 -22.70
N PRO B 171 25.02 1.93 -23.54
CA PRO B 171 24.54 1.46 -24.85
C PRO B 171 25.68 0.93 -25.70
N PHE B 172 25.40 -0.16 -26.41
CA PHE B 172 26.42 -0.88 -27.17
C PHE B 172 25.87 -1.26 -28.53
N TYR B 173 26.78 -1.62 -29.44
CA TYR B 173 26.45 -2.02 -30.79
C TYR B 173 26.50 -3.54 -30.91
N VAL B 174 25.54 -4.11 -31.65
CA VAL B 174 25.51 -5.53 -31.95
C VAL B 174 25.39 -5.71 -33.45
N SER B 175 26.20 -6.60 -34.01
CA SER B 175 26.11 -6.98 -35.41
C SER B 175 25.78 -8.47 -35.48
N ILE B 176 24.74 -8.81 -36.21
CA ILE B 176 24.32 -10.19 -36.42
C ILE B 176 24.70 -10.58 -37.85
N PRO B 177 25.62 -11.53 -38.04
CA PRO B 177 26.33 -12.29 -37.01
C PRO B 177 27.55 -11.58 -36.43
N LEU B 178 28.16 -12.17 -35.41
CA LEU B 178 29.32 -11.59 -34.74
C LEU B 178 30.56 -12.41 -35.05
N PRO B 179 31.67 -11.75 -35.43
CA PRO B 179 32.92 -12.49 -35.68
C PRO B 179 33.45 -13.09 -34.39
N HIS B 180 33.50 -14.42 -34.33
CA HIS B 180 33.94 -15.14 -33.15
C HIS B 180 35.25 -15.86 -33.43
N ALA B 181 36.07 -16.01 -32.39
CA ALA B 181 37.36 -16.63 -32.56
C ALA B 181 37.30 -18.15 -32.47
N GLN B 182 36.40 -18.68 -31.63
CA GLN B 182 36.25 -20.12 -31.49
C GLN B 182 35.26 -20.70 -32.48
N GLN B 183 34.04 -20.15 -32.52
CA GLN B 183 32.99 -20.63 -33.40
C GLN B 183 33.05 -20.00 -34.79
N ASN B 184 34.14 -19.32 -35.13
CA ASN B 184 34.31 -18.62 -36.40
C ASN B 184 33.28 -17.52 -36.58
N TRP B 185 31.99 -17.86 -36.54
CA TRP B 185 30.92 -16.89 -36.64
C TRP B 185 29.84 -17.19 -35.61
N LEU B 186 29.29 -16.14 -35.01
CA LEU B 186 28.30 -16.26 -33.95
C LEU B 186 27.01 -15.58 -34.38
N TYR B 187 25.95 -16.36 -34.51
CA TYR B 187 24.64 -15.83 -34.84
C TYR B 187 23.72 -15.71 -33.64
N ASP B 188 23.87 -16.58 -32.64
CA ASP B 188 23.11 -16.52 -31.41
C ASP B 188 24.02 -15.90 -30.35
N VAL B 189 23.94 -14.58 -30.21
CA VAL B 189 24.84 -13.82 -29.36
C VAL B 189 24.32 -13.80 -27.93
N HIS B 190 25.24 -13.69 -26.98
CA HIS B 190 24.91 -13.61 -25.55
C HIS B 190 25.68 -12.46 -24.94
N VAL B 191 24.97 -11.53 -24.31
CA VAL B 191 25.57 -10.35 -23.68
C VAL B 191 25.25 -10.38 -22.20
N TYR B 192 26.21 -9.94 -21.37
CA TYR B 192 26.08 -9.95 -19.91
C TYR B 192 26.37 -8.55 -19.39
N PRO B 193 25.38 -7.66 -19.42
CA PRO B 193 25.58 -6.30 -18.90
C PRO B 193 25.59 -6.27 -17.38
N LYS B 194 25.99 -5.12 -16.85
CA LYS B 194 26.11 -4.91 -15.41
C LYS B 194 25.19 -3.78 -14.96
N ASN B 195 24.59 -3.98 -13.78
CA ASN B 195 23.73 -2.93 -13.15
C ASN B 195 24.15 -2.80 -11.70
N GLN B 196 24.24 -1.57 -11.22
CA GLN B 196 24.60 -1.28 -9.84
C GLN B 196 23.38 -0.78 -9.09
N GLU B 197 23.21 -1.27 -7.86
CA GLU B 197 22.09 -0.91 -7.01
C GLU B 197 22.61 -0.30 -5.72
N VAL B 198 21.79 0.55 -5.11
CA VAL B 198 22.12 1.19 -3.84
C VAL B 198 21.57 0.33 -2.71
N ASP B 199 22.44 -0.06 -1.78
CA ASP B 199 22.01 -0.83 -0.62
C ASP B 199 21.08 0.01 0.25
N ALA B 200 20.18 -0.67 0.95
CA ALA B 200 19.24 0.03 1.80
C ALA B 200 19.96 0.63 3.00
N PRO B 201 19.74 1.90 3.32
CA PRO B 201 20.38 2.48 4.50
C PRO B 201 19.76 1.97 5.79
N THR B 202 20.59 1.75 6.80
CA THR B 202 20.15 1.38 8.12
C THR B 202 20.21 2.58 9.05
N LYS B 203 19.41 2.55 10.13
CA LYS B 203 19.33 3.69 11.12
C LYS B 203 19.13 3.18 12.54
N THR B 204 20.09 3.42 13.44
CA THR B 204 19.96 3.08 14.86
C THR B 204 19.71 4.34 15.66
N ILE B 205 19.19 4.16 16.87
CA ILE B 205 18.92 5.25 17.79
C ILE B 205 19.87 5.13 18.98
N ASN B 206 20.15 6.27 19.62
CA ASN B 206 21.08 6.29 20.74
C ASN B 206 20.59 5.39 21.87
N SER B 207 21.54 4.82 22.59
CA SER B 207 21.21 3.84 23.63
C SER B 207 20.49 4.52 24.80
N ASP B 208 20.03 3.68 25.73
CA ASP B 208 19.37 4.20 26.92
C ASP B 208 20.32 5.01 27.78
N SER B 209 21.56 4.52 27.93
CA SER B 209 22.54 5.22 28.76
C SER B 209 22.82 6.61 28.21
N ASP B 210 22.81 6.77 26.89
CA ASP B 210 23.05 8.07 26.28
C ASP B 210 21.84 8.99 26.35
N GLN B 211 20.63 8.42 26.48
CA GLN B 211 19.43 9.25 26.56
C GLN B 211 19.38 10.07 27.85
N ALA B 212 20.12 9.66 28.88
CA ALA B 212 20.10 10.39 30.15
C ALA B 212 20.49 11.84 29.95
N GLY B 213 21.71 12.08 29.45
CA GLY B 213 22.16 13.43 29.21
C GLY B 213 21.44 14.15 28.09
N LYS B 214 20.62 13.44 27.32
CA LYS B 214 19.89 14.05 26.21
C LYS B 214 18.54 14.59 26.62
N GLY B 215 17.96 14.09 27.71
CA GLY B 215 16.66 14.55 28.16
C GLY B 215 15.71 13.40 28.40
N LEU B 216 14.78 13.57 29.35
CA LEU B 216 13.86 12.52 29.74
C LEU B 216 12.40 12.94 29.73
N THR B 217 12.08 14.19 29.42
CA THR B 217 10.71 14.67 29.42
C THR B 217 10.27 14.99 28.00
N VAL B 218 8.97 15.29 27.87
CA VAL B 218 8.44 15.73 26.59
C VAL B 218 9.14 17.02 26.18
N GLY B 219 9.57 17.08 24.92
CA GLY B 219 10.39 18.16 24.42
C GLY B 219 11.85 17.82 24.29
N SER B 220 12.30 16.74 24.94
CA SER B 220 13.67 16.29 24.79
C SER B 220 13.92 15.77 23.37
N VAL B 221 15.15 15.33 23.13
CA VAL B 221 15.57 14.95 21.79
C VAL B 221 16.08 13.51 21.79
N VAL B 222 16.22 12.97 20.58
CA VAL B 222 16.80 11.65 20.37
C VAL B 222 17.80 11.76 19.21
N GLU B 223 18.68 10.78 19.11
CA GLU B 223 19.71 10.77 18.07
C GLU B 223 19.57 9.51 17.23
N TRP B 224 19.37 9.71 15.92
CA TRP B 224 19.37 8.63 14.95
C TRP B 224 20.63 8.72 14.09
N THR B 225 21.22 7.57 13.77
CA THR B 225 22.44 7.51 12.98
C THR B 225 22.15 6.69 11.71
N ILE B 226 21.93 7.39 10.59
CA ILE B 226 21.68 6.74 9.31
C ILE B 226 23.01 6.43 8.66
N SER B 227 23.37 5.15 8.61
CA SER B 227 24.59 4.70 7.96
C SER B 227 24.25 4.08 6.60
N GLN B 228 24.75 4.69 5.53
CA GLN B 228 24.45 4.26 4.17
C GLN B 228 25.74 4.01 3.41
N THR B 229 25.90 2.81 2.87
CA THR B 229 27.04 2.49 2.02
C THR B 229 26.84 3.07 0.63
N VAL B 230 27.88 3.68 0.09
CA VAL B 230 27.83 4.24 -1.25
C VAL B 230 27.88 3.10 -2.26
N PRO B 231 27.01 3.10 -3.27
CA PRO B 231 26.99 1.98 -4.23
C PRO B 231 28.10 2.09 -5.26
N ALA B 232 28.43 0.95 -5.86
CA ALA B 232 29.36 0.92 -6.97
C ALA B 232 28.76 1.64 -8.18
N LEU B 233 29.63 1.95 -9.14
CA LEU B 233 29.22 2.69 -10.32
C LEU B 233 29.83 2.05 -11.55
N ASN B 234 29.18 2.27 -12.70
CA ASN B 234 29.69 1.79 -13.96
C ASN B 234 30.69 2.79 -14.54
N ASP B 235 31.65 2.26 -15.30
CA ASP B 235 32.79 3.05 -15.74
C ASP B 235 32.37 4.18 -16.67
N GLY B 236 32.98 5.34 -16.49
CA GLY B 236 32.73 6.50 -17.32
C GLY B 236 31.78 7.51 -16.73
N GLU B 237 31.12 7.20 -15.62
CA GLU B 237 30.13 8.07 -15.01
C GLU B 237 30.65 8.64 -13.70
N GLN B 238 30.35 9.91 -13.45
CA GLN B 238 30.66 10.57 -12.19
C GLN B 238 29.40 10.67 -11.34
N TYR B 239 29.60 10.67 -10.02
CA TYR B 239 28.48 10.86 -9.11
C TYR B 239 27.88 12.25 -9.28
N THR B 240 26.60 12.30 -9.63
CA THR B 240 25.92 13.56 -9.91
C THR B 240 25.03 14.00 -8.75
N SER B 241 24.08 13.14 -8.35
CA SER B 241 23.14 13.46 -7.28
C SER B 241 23.27 12.44 -6.17
N ALA B 242 23.44 12.94 -4.94
CA ALA B 242 23.49 12.09 -3.76
C ALA B 242 22.66 12.75 -2.67
N THR B 243 21.58 12.09 -2.26
CA THR B 243 20.67 12.66 -1.28
C THR B 243 20.23 11.59 -0.30
N ILE B 244 20.19 11.95 0.98
CA ILE B 244 19.55 11.15 2.01
C ILE B 244 18.45 12.01 2.61
N TRP B 245 17.29 11.41 2.85
CA TRP B 245 16.17 12.13 3.42
C TRP B 245 15.65 11.40 4.64
N ASP B 246 14.74 12.07 5.35
CA ASP B 246 14.06 11.50 6.52
C ASP B 246 12.78 12.25 6.83
N VAL B 247 11.68 11.88 6.18
CA VAL B 247 10.42 12.57 6.39
C VAL B 247 9.94 12.36 7.82
N LEU B 248 9.35 13.39 8.42
CA LEU B 248 8.92 13.36 9.81
C LEU B 248 7.42 13.53 9.91
N ASN B 249 6.85 12.94 10.94
CA ASN B 249 5.43 13.13 11.24
C ASN B 249 5.24 14.41 12.04
N PRO B 250 4.55 15.42 11.51
CA PRO B 250 4.41 16.69 12.24
C PRO B 250 3.67 16.57 13.56
N ALA B 251 3.03 15.43 13.83
CA ALA B 251 2.36 15.20 15.10
C ALA B 251 3.20 14.43 16.10
N GLU B 252 4.33 13.88 15.67
CA GLU B 252 5.19 13.08 16.55
C GLU B 252 6.58 13.67 16.71
N LEU B 253 7.27 13.97 15.63
CA LEU B 253 8.64 14.47 15.69
C LEU B 253 8.75 15.82 15.00
N GLU B 254 9.89 16.48 15.23
CA GLU B 254 10.16 17.80 14.69
C GLU B 254 11.67 17.96 14.62
N TYR B 255 12.17 18.37 13.45
CA TYR B 255 13.61 18.48 13.25
C TYR B 255 14.20 19.54 14.18
N ALA B 256 15.28 19.18 14.86
CA ALA B 256 15.96 20.09 15.78
C ALA B 256 17.22 20.65 15.15
N GLY B 257 18.21 19.79 14.90
CA GLY B 257 19.46 20.23 14.31
C GLY B 257 20.45 19.11 14.05
N THR B 258 21.03 19.12 12.86
CA THR B 258 22.04 18.13 12.51
C THR B 258 23.27 18.28 13.39
N THR B 259 23.86 17.15 13.79
CA THR B 259 25.06 17.15 14.60
C THR B 259 26.31 16.68 13.88
N SER B 260 26.20 15.77 12.92
CA SER B 260 27.38 15.26 12.24
C SER B 260 26.99 14.57 10.93
N VAL B 261 27.91 14.65 9.97
CA VAL B 261 27.86 13.88 8.73
C VAL B 261 29.24 13.29 8.52
N SER B 262 29.40 12.01 8.84
CA SER B 262 30.71 11.39 8.94
C SER B 262 30.98 10.46 7.76
N LEU B 263 32.24 10.49 7.30
CA LEU B 263 32.68 9.73 6.12
C LEU B 263 33.82 8.83 6.58
N ASN B 264 33.51 7.60 6.99
CA ASN B 264 34.50 6.66 7.53
C ASN B 264 35.25 7.25 8.72
N GLY B 265 34.56 8.04 9.53
CA GLY B 265 35.13 8.67 10.71
C GLY B 265 35.39 10.15 10.54
N THR B 266 35.59 10.61 9.31
CA THR B 266 35.84 12.03 9.05
C THR B 266 34.52 12.75 8.79
N PRO B 267 34.14 13.72 9.62
CA PRO B 267 32.92 14.48 9.34
C PRO B 267 33.05 15.41 8.14
N LEU B 268 32.33 16.53 8.16
CA LEU B 268 32.27 17.41 6.99
C LEU B 268 31.80 18.79 7.44
N VAL B 269 31.77 19.72 6.48
CA VAL B 269 31.47 21.13 6.76
C VAL B 269 30.16 21.50 6.09
N GLU B 270 29.87 22.80 6.00
CA GLU B 270 28.60 23.25 5.44
C GLU B 270 28.66 23.40 3.92
N GLY B 271 29.60 24.21 3.43
CA GLY B 271 29.67 24.48 2.01
C GLY B 271 30.02 23.28 1.17
N THR B 272 30.70 22.28 1.76
CA THR B 272 31.08 21.09 1.02
C THR B 272 29.97 20.06 0.95
N ASP B 273 29.02 20.07 1.89
CA ASP B 273 27.86 19.20 1.83
C ASP B 273 26.65 20.00 2.32
N TYR B 274 25.81 20.41 1.37
CA TYR B 274 24.57 21.12 1.65
C TYR B 274 23.71 20.33 2.63
N THR B 275 23.41 20.92 3.78
CA THR B 275 22.63 20.26 4.82
C THR B 275 21.44 21.13 5.22
N ILE B 276 20.68 21.59 4.23
CA ILE B 276 19.57 22.50 4.48
C ILE B 276 18.27 21.84 4.04
N ASP B 277 17.31 22.65 3.57
CA ASP B 277 15.94 22.21 3.31
C ASP B 277 15.32 21.61 4.57
N ALA B 278 14.69 22.45 5.38
CA ALA B 278 14.15 21.99 6.66
C ALA B 278 12.93 21.10 6.44
N GLY B 279 11.93 21.60 5.70
CA GLY B 279 10.75 20.83 5.40
C GLY B 279 11.07 19.53 4.70
N VAL B 280 10.70 18.40 5.31
CA VAL B 280 11.12 17.07 4.87
C VAL B 280 12.61 16.77 4.84
N VAL B 281 13.20 16.58 6.04
CA VAL B 281 14.64 16.56 6.21
C VAL B 281 15.35 15.91 5.04
N SER B 282 16.32 16.62 4.47
CA SER B 282 17.06 16.15 3.31
C SER B 282 18.49 16.68 3.44
N TRP B 283 19.39 15.91 2.87
CA TRP B 283 20.83 16.25 2.94
C TRP B 283 21.43 16.06 1.53
N SER B 284 21.55 17.13 0.75
CA SER B 284 22.06 17.07 -0.62
C SER B 284 23.55 17.39 -0.67
N LEU B 285 24.26 16.75 -1.57
CA LEU B 285 25.70 16.92 -1.67
C LEU B 285 26.07 17.93 -2.76
N THR B 286 27.35 18.30 -2.75
CA THR B 286 27.97 19.10 -3.79
C THR B 286 29.06 18.27 -4.45
N GLU B 287 29.59 18.79 -5.56
CA GLU B 287 30.50 18.01 -6.40
C GLU B 287 31.80 17.63 -5.69
N LYS B 288 32.17 18.33 -4.63
CA LYS B 288 33.43 18.05 -3.96
C LYS B 288 33.41 16.67 -3.30
N LYS B 289 32.48 16.46 -2.35
CA LYS B 289 32.39 15.17 -1.69
C LYS B 289 32.01 14.06 -2.67
N LEU B 290 31.27 14.40 -3.73
CA LEU B 290 30.90 13.42 -4.74
C LEU B 290 32.15 12.80 -5.38
N ALA B 291 33.06 13.64 -5.87
CA ALA B 291 34.29 13.17 -6.47
C ALA B 291 35.27 12.60 -5.44
N GLU B 292 34.91 12.61 -4.16
CA GLU B 292 35.79 12.12 -3.11
C GLU B 292 35.48 10.70 -2.66
N ILE B 293 34.22 10.28 -2.71
CA ILE B 293 33.81 8.99 -2.19
C ILE B 293 34.02 7.90 -3.23
N LYS B 294 34.31 6.70 -2.76
CA LYS B 294 34.51 5.52 -3.59
C LYS B 294 33.45 4.49 -3.24
N ALA B 295 33.41 3.41 -4.00
CA ALA B 295 32.48 2.32 -3.76
C ALA B 295 32.83 1.63 -2.44
N GLY B 296 31.89 1.64 -1.50
CA GLY B 296 32.10 1.05 -0.19
C GLY B 296 32.35 2.04 0.93
N ASP B 297 32.31 3.34 0.64
CA ASP B 297 32.55 4.36 1.65
C ASP B 297 31.29 4.54 2.48
N THR B 298 31.35 4.09 3.74
CA THR B 298 30.22 4.26 4.64
C THR B 298 30.09 5.71 5.07
N ILE B 299 28.89 6.27 4.92
CA ILE B 299 28.59 7.62 5.37
C ILE B 299 27.50 7.54 6.43
N GLU B 300 27.70 8.27 7.52
CA GLU B 300 26.76 8.29 8.65
C GLU B 300 26.28 9.71 8.87
N VAL B 301 24.97 9.90 8.79
CA VAL B 301 24.34 11.19 9.10
C VAL B 301 23.61 11.05 10.42
N VAL B 302 23.93 11.94 11.36
CA VAL B 302 23.37 11.91 12.70
C VAL B 302 22.68 13.24 12.97
N PHE B 303 21.40 13.15 13.30
CA PHE B 303 20.60 14.37 13.59
C PHE B 303 19.75 14.15 14.84
N THR B 304 19.04 15.20 15.25
CA THR B 304 18.21 15.16 16.44
C THR B 304 16.81 15.63 16.10
N THR B 305 15.82 15.00 16.74
CA THR B 305 14.41 15.35 16.56
C THR B 305 13.77 15.54 17.92
N THR B 306 12.85 16.49 18.01
CA THR B 306 12.17 16.83 19.26
C THR B 306 10.90 15.98 19.40
N VAL B 307 10.83 15.21 20.48
CA VAL B 307 9.65 14.42 20.76
C VAL B 307 8.53 15.38 21.19
N LEU B 308 7.48 15.48 20.36
CA LEU B 308 6.47 16.50 20.59
C LEU B 308 5.45 16.06 21.64
N ALA B 309 4.90 14.87 21.51
CA ALA B 309 3.85 14.42 22.42
C ALA B 309 3.95 12.92 22.62
N VAL B 310 3.11 12.41 23.52
CA VAL B 310 2.99 10.98 23.77
C VAL B 310 1.85 10.46 22.91
N THR B 311 2.19 9.68 21.88
CA THR B 311 1.18 9.10 21.01
C THR B 311 0.24 8.20 21.81
N GLU B 312 -0.94 7.93 21.24
CA GLU B 312 -1.88 7.00 21.84
C GLU B 312 -1.20 5.68 22.18
N THR B 313 -0.26 5.25 21.35
CA THR B 313 0.55 4.07 21.64
C THR B 313 1.88 4.40 22.30
N GLY B 314 2.31 5.65 22.26
CA GLY B 314 3.60 6.04 22.80
C GLY B 314 4.79 5.56 22.00
N ASP B 315 4.57 4.82 20.93
CA ASP B 315 5.64 4.30 20.08
C ASP B 315 5.83 5.25 18.91
N ILE B 316 7.01 5.84 18.80
CA ILE B 316 7.36 6.73 17.70
C ILE B 316 8.50 6.09 16.94
N ASP B 317 8.24 5.73 15.69
CA ASP B 317 9.22 5.02 14.86
C ASP B 317 9.66 5.89 13.70
N ASN B 318 10.79 5.51 13.10
CA ASN B 318 11.32 6.12 11.85
C ASN B 318 11.60 4.94 10.92
N PRO B 319 10.64 4.38 10.17
CA PRO B 319 10.93 3.30 9.22
C PRO B 319 11.47 3.82 7.90
N GLY B 320 11.56 2.95 6.90
CA GLY B 320 12.01 3.35 5.59
C GLY B 320 10.88 3.84 4.70
N SER B 321 11.19 4.81 3.86
CA SER B 321 10.24 5.35 2.90
C SER B 321 10.85 5.29 1.51
N GLU B 322 10.02 4.94 0.53
CA GLU B 322 10.50 4.87 -0.85
C GLU B 322 10.93 6.23 -1.37
N GLY B 323 10.30 7.30 -0.90
CA GLY B 323 10.66 8.65 -1.28
C GLY B 323 10.19 9.67 -0.27
N PRO B 324 10.36 10.96 -0.59
CA PRO B 324 9.86 12.01 0.31
C PRO B 324 8.35 12.15 0.27
N ASP B 325 7.64 11.10 -0.17
CA ASP B 325 6.19 11.14 -0.20
C ASP B 325 5.61 11.06 1.20
N LYS B 326 5.93 9.99 1.92
CA LYS B 326 5.36 9.72 3.24
C LYS B 326 6.47 9.62 4.28
N PRO B 327 6.15 9.63 5.58
CA PRO B 327 7.21 9.56 6.60
C PRO B 327 8.13 8.37 6.41
N GLY B 328 9.40 8.57 6.73
CA GLY B 328 10.43 7.56 6.58
C GLY B 328 11.71 8.12 6.02
N TYR B 329 12.74 7.29 5.86
CA TYR B 329 14.03 7.73 5.36
C TYR B 329 14.49 6.85 4.20
N GLY B 330 15.20 7.47 3.26
CA GLY B 330 15.71 6.75 2.10
C GLY B 330 16.84 7.53 1.45
N SER B 331 17.46 6.87 0.47
CA SER B 331 18.63 7.41 -0.22
C SER B 331 18.35 7.54 -1.71
N GLU B 332 19.22 8.28 -2.39
CA GLU B 332 19.09 8.51 -3.83
C GLU B 332 20.45 8.84 -4.41
N PHE B 333 20.95 7.98 -5.29
CA PHE B 333 22.23 8.18 -5.97
C PHE B 333 21.98 8.21 -7.48
N ASN B 334 22.10 9.39 -8.08
CA ASN B 334 21.92 9.58 -9.52
C ASN B 334 20.57 9.07 -10.01
N GLY B 335 19.54 9.19 -9.18
CA GLY B 335 18.21 8.76 -9.52
C GLY B 335 17.79 7.42 -8.97
N GLY B 336 18.73 6.65 -8.40
CA GLY B 336 18.40 5.36 -7.82
C GLY B 336 17.99 5.46 -6.37
N THR B 337 16.70 5.26 -6.09
CA THR B 337 16.14 5.44 -4.77
C THR B 337 15.84 4.09 -4.13
N THR B 338 15.98 4.03 -2.80
CA THR B 338 15.68 2.84 -2.03
C THR B 338 15.21 3.25 -0.64
N PRO B 339 14.24 2.56 -0.05
CA PRO B 339 13.85 2.84 1.32
C PRO B 339 14.82 2.26 2.32
N GLY B 340 14.70 2.72 3.56
CA GLY B 340 15.57 2.24 4.61
C GLY B 340 15.30 0.79 4.98
N GLY B 341 16.29 0.17 5.61
CA GLY B 341 16.17 -1.22 6.01
C GLY B 341 15.60 -1.40 7.40
N THR B 342 16.30 -0.91 8.41
CA THR B 342 15.90 -1.09 9.80
C THR B 342 15.00 0.06 10.25
N THR B 343 14.22 -0.21 11.29
CA THR B 343 13.28 0.75 11.85
C THR B 343 13.46 0.82 13.36
N PRO B 344 14.05 1.88 13.90
CA PRO B 344 14.19 2.01 15.35
C PRO B 344 12.98 2.71 15.98
N HIS B 345 12.89 2.57 17.30
CA HIS B 345 11.75 3.06 18.05
C HIS B 345 12.22 3.82 19.28
N THR B 346 11.38 4.78 19.71
CA THR B 346 11.53 5.45 20.98
C THR B 346 10.19 5.40 21.69
N TYR B 347 10.21 4.98 22.97
CA TYR B 347 8.99 4.77 23.74
C TYR B 347 8.81 5.88 24.76
N TRP B 348 7.56 6.32 24.91
CA TRP B 348 7.23 7.43 25.81
C TRP B 348 5.89 7.14 26.46
N GLY B 349 5.82 7.36 27.78
CA GLY B 349 4.59 7.21 28.52
C GLY B 349 4.28 8.47 29.31
N GLN B 350 3.18 8.41 30.07
CA GLN B 350 2.71 9.55 30.84
C GLN B 350 2.47 9.15 32.29
N LEU B 351 2.42 10.17 33.14
CA LEU B 351 2.17 9.99 34.55
C LEU B 351 1.50 11.24 35.10
N THR B 352 0.40 11.05 35.83
CA THR B 352 -0.30 12.14 36.48
C THR B 352 -0.49 11.81 37.95
N VAL B 353 -0.34 12.83 38.81
CA VAL B 353 -0.35 12.66 40.25
C VAL B 353 -1.50 13.45 40.83
N ASN B 354 -2.27 12.82 41.71
CA ASN B 354 -3.35 13.47 42.44
C ASN B 354 -2.93 13.60 43.91
N LYS B 355 -3.08 14.79 44.47
CA LYS B 355 -2.70 15.04 45.87
C LYS B 355 -3.91 15.21 46.77
N GLY B 356 -3.84 14.56 47.92
CA GLY B 356 -4.90 14.67 48.90
C GLY B 356 -4.38 14.48 50.30
N ASP B 357 -5.28 14.63 51.28
CA ASP B 357 -4.95 14.32 52.65
C ASP B 357 -5.10 12.81 52.88
N THR B 358 -4.89 12.39 54.12
CA THR B 358 -4.94 10.96 54.44
C THR B 358 -6.34 10.41 54.14
N GLY B 359 -6.40 9.39 53.30
CA GLY B 359 -7.64 8.81 52.85
C GLY B 359 -8.16 9.36 51.53
N MET B 360 -7.51 10.38 50.97
CA MET B 360 -7.91 10.99 49.70
C MET B 360 -9.32 11.57 49.75
N VAL B 361 -9.75 12.03 50.93
CA VAL B 361 -11.07 12.63 51.05
C VAL B 361 -11.05 14.12 50.74
N ASN B 362 -9.92 14.79 50.96
N ASN B 362 -9.93 14.79 50.97
CA ASN B 362 -9.77 16.21 50.68
CA ASN B 362 -9.78 16.21 50.67
C ASN B 362 -8.57 16.41 49.77
C ASN B 362 -8.57 16.41 49.76
N LYS B 363 -8.73 17.23 48.73
CA LYS B 363 -7.67 17.49 47.76
C LYS B 363 -6.93 18.77 48.15
N LEU B 364 -5.61 18.72 48.10
CA LEU B 364 -4.74 19.77 48.64
C LEU B 364 -3.96 20.45 47.54
N ALA B 365 -3.80 21.76 47.66
CA ALA B 365 -3.05 22.58 46.72
C ALA B 365 -1.73 23.03 47.34
N GLY B 366 -0.81 23.44 46.47
CA GLY B 366 0.46 23.99 46.91
C GLY B 366 1.58 23.00 47.13
N ALA B 367 1.27 21.70 47.14
CA ALA B 367 2.31 20.70 47.34
C ALA B 367 3.20 20.60 46.12
N GLU B 368 4.49 20.38 46.34
CA GLU B 368 5.48 20.32 45.29
C GLU B 368 6.06 18.92 45.20
N PHE B 369 6.25 18.44 43.97
CA PHE B 369 6.79 17.11 43.72
C PHE B 369 7.97 17.21 42.75
N ALA B 370 8.82 16.19 42.79
CA ALA B 370 9.97 16.09 41.90
C ALA B 370 10.19 14.64 41.51
N VAL B 371 10.42 14.43 40.22
CA VAL B 371 10.70 13.10 39.68
C VAL B 371 12.20 12.94 39.50
N PHE B 372 12.73 11.78 39.90
CA PHE B 372 14.15 11.50 39.80
C PHE B 372 14.36 10.19 39.05
N ASN B 373 15.47 10.12 38.32
CA ASN B 373 15.89 8.89 37.65
C ASN B 373 16.99 8.21 38.47
N ASN B 374 16.61 7.81 39.69
CA ASN B 374 17.55 7.19 40.62
C ASN B 374 17.05 5.84 41.12
N ALA B 375 16.18 5.18 40.37
CA ALA B 375 15.70 3.87 40.78
C ALA B 375 16.76 2.81 40.50
N GLU B 376 16.88 1.85 41.41
CA GLU B 376 17.85 0.76 41.27
C GLU B 376 17.15 -0.56 41.60
N ASN B 377 16.74 -1.29 40.57
CA ASN B 377 16.15 -2.62 40.70
C ASN B 377 14.91 -2.60 41.58
N GLY B 378 14.15 -1.51 41.54
CA GLY B 378 12.86 -1.45 42.21
C GLY B 378 12.83 -0.73 43.54
N VAL B 379 13.93 -0.13 43.97
CA VAL B 379 13.98 0.58 45.24
C VAL B 379 14.35 2.03 44.99
N CYS B 380 13.82 2.92 45.83
CA CYS B 380 14.13 4.34 45.79
C CYS B 380 14.68 4.78 47.14
N ALA B 381 15.42 5.88 47.12
CA ALA B 381 15.91 6.47 48.36
C ALA B 381 14.73 7.01 49.18
N PRO B 382 14.88 7.04 50.51
CA PRO B 382 13.77 7.54 51.34
C PRO B 382 13.41 8.99 51.05
N GLU B 383 14.38 9.84 50.71
CA GLU B 383 14.10 11.20 50.28
C GLU B 383 15.01 11.55 49.12
N ALA B 384 14.73 12.69 48.49
CA ALA B 384 15.29 13.00 47.18
C ALA B 384 16.81 13.17 47.25
N PRO B 385 17.53 12.75 46.21
CA PRO B 385 18.96 13.05 46.13
C PRO B 385 19.19 14.53 45.84
N GLU B 386 20.38 14.99 46.21
CA GLU B 386 20.72 16.40 46.06
C GLU B 386 21.15 16.78 44.65
N THR B 387 20.89 15.93 43.66
CA THR B 387 21.19 16.26 42.27
C THR B 387 20.03 17.08 41.69
N ASP B 388 20.10 17.36 40.40
CA ASP B 388 19.02 18.13 39.71
C ASP B 388 17.89 17.17 39.31
N ALA B 389 16.66 17.51 39.64
CA ALA B 389 15.51 16.63 39.42
C ALA B 389 15.16 16.57 37.93
N ILE B 390 14.45 15.50 37.57
CA ILE B 390 14.04 15.31 36.18
C ILE B 390 12.91 16.27 35.84
N ALA B 391 11.93 16.42 36.73
CA ALA B 391 10.80 17.31 36.51
C ALA B 391 10.20 17.67 37.84
N THR B 392 9.65 18.89 37.91
CA THR B 392 9.01 19.41 39.11
C THR B 392 7.63 19.93 38.76
N GLY B 393 6.82 20.17 39.78
CA GLY B 393 5.48 20.69 39.58
C GLY B 393 4.81 20.93 40.91
N VAL B 394 3.67 21.63 40.85
CA VAL B 394 2.87 21.94 42.03
C VAL B 394 1.44 21.49 41.78
N SER B 395 0.72 21.25 42.87
CA SER B 395 -0.69 20.89 42.77
C SER B 395 -1.55 22.14 42.64
N ASP B 396 -2.74 21.97 42.08
CA ASP B 396 -3.65 23.07 41.83
C ASP B 396 -4.89 22.94 42.73
N ALA B 397 -5.97 23.62 42.34
CA ALA B 397 -7.17 23.67 43.18
C ALA B 397 -7.71 22.28 43.46
N GLU B 398 -7.81 21.43 42.44
CA GLU B 398 -8.28 20.06 42.62
C GLU B 398 -7.14 19.10 42.91
N GLY B 399 -5.97 19.61 43.30
CA GLY B 399 -4.88 18.75 43.72
C GLY B 399 -4.13 18.06 42.60
N VAL B 400 -4.32 18.46 41.35
CA VAL B 400 -3.61 17.86 40.24
C VAL B 400 -2.24 18.50 40.13
N VAL B 401 -1.19 17.68 40.17
CA VAL B 401 0.18 18.16 40.06
C VAL B 401 0.43 18.64 38.63
N ARG B 402 0.43 19.96 38.43
CA ARG B 402 0.73 20.54 37.14
C ARG B 402 2.24 20.81 37.07
N TRP B 403 2.87 20.29 36.02
CA TRP B 403 4.33 20.23 35.93
C TRP B 403 4.89 21.43 35.17
N ASN B 404 6.12 21.79 35.51
CA ASN B 404 6.77 22.98 34.98
C ASN B 404 7.52 22.66 33.70
N ASP B 405 7.57 23.66 32.81
CA ASP B 405 8.43 23.68 31.62
C ASP B 405 8.06 22.62 30.60
N VAL B 406 6.91 21.97 30.72
CA VAL B 406 6.50 20.94 29.77
C VAL B 406 5.07 21.20 29.32
N THR B 407 4.76 20.77 28.11
CA THR B 407 3.43 20.89 27.54
C THR B 407 2.92 19.50 27.16
N PRO B 408 1.73 19.10 27.64
CA PRO B 408 0.85 19.91 28.50
C PRO B 408 1.27 19.89 29.96
N ASP B 409 0.53 20.60 30.81
CA ASP B 409 0.82 20.57 32.24
C ASP B 409 0.57 19.18 32.82
N ASN B 410 -0.49 18.52 32.36
CA ASN B 410 -0.88 17.21 32.86
C ASN B 410 -1.40 16.38 31.70
N PRO B 411 -0.98 15.10 31.60
CA PRO B 411 -0.02 14.44 32.49
C PRO B 411 1.43 14.81 32.20
N LEU B 412 2.37 14.11 32.84
CA LEU B 412 3.79 14.33 32.65
C LEU B 412 4.32 13.24 31.73
N GLY B 413 4.73 13.63 30.52
CA GLY B 413 5.29 12.67 29.57
C GLY B 413 6.74 12.37 29.85
N LEU B 414 7.07 11.08 30.03
CA LEU B 414 8.41 10.67 30.42
C LEU B 414 8.94 9.63 29.45
N TRP B 415 10.26 9.65 29.27
CA TRP B 415 10.92 8.69 28.41
C TRP B 415 10.95 7.31 29.06
N ILE B 416 10.89 6.28 28.23
CA ILE B 416 10.84 4.91 28.73
C ILE B 416 12.05 4.13 28.24
N ALA B 417 12.13 3.91 26.93
CA ALA B 417 13.22 3.11 26.39
C ALA B 417 13.43 3.48 24.92
N ASN B 418 14.67 3.27 24.47
CA ASN B 418 15.02 3.36 23.07
C ASN B 418 15.29 1.96 22.54
N SER B 419 15.13 1.80 21.22
CA SER B 419 15.32 0.49 20.60
C SER B 419 15.85 0.69 19.19
N SER B 420 17.06 0.19 18.95
CA SER B 420 17.62 0.11 17.62
C SER B 420 17.51 -1.28 17.02
N ASP B 421 17.01 -2.25 17.79
CA ASP B 421 16.88 -3.62 17.32
C ASP B 421 15.40 -4.04 17.32
N GLY B 422 14.59 -3.35 16.55
CA GLY B 422 13.19 -3.70 16.41
C GLY B 422 12.33 -3.25 17.58
N GLU B 423 11.11 -3.77 17.60
CA GLU B 423 10.16 -3.43 18.65
C GLU B 423 10.58 -4.08 19.97
N ILE B 424 10.07 -3.51 21.06
CA ILE B 424 10.30 -4.03 22.41
C ILE B 424 8.97 -4.51 22.97
N ALA B 425 8.98 -5.72 23.53
CA ALA B 425 7.78 -6.29 24.16
C ALA B 425 7.72 -5.81 25.61
N ASN B 426 6.62 -5.13 25.94
CA ASN B 426 6.36 -4.60 27.27
C ASN B 426 7.49 -3.70 27.77
N PRO B 427 7.68 -2.52 27.18
CA PRO B 427 8.70 -1.60 27.70
C PRO B 427 8.21 -0.87 28.94
N ASN B 428 9.12 -0.65 29.88
CA ASN B 428 8.78 0.07 31.09
C ASN B 428 10.06 0.58 31.74
N LYS B 429 9.93 1.70 32.46
CA LYS B 429 11.05 2.30 33.16
C LYS B 429 10.58 2.78 34.53
N ASP B 430 11.42 2.56 35.53
CA ASP B 430 11.11 2.98 36.90
C ASP B 430 11.72 4.35 37.17
N TYR B 431 10.87 5.27 37.63
CA TYR B 431 11.31 6.54 38.20
C TYR B 431 11.01 6.52 39.70
N CYS B 432 11.42 7.59 40.38
CA CYS B 432 11.14 7.77 41.80
C CYS B 432 10.43 9.10 41.98
N LEU B 433 9.30 9.07 42.68
CA LEU B 433 8.46 10.24 42.89
C LEU B 433 8.57 10.68 44.34
N TYR B 434 9.04 11.90 44.56
CA TYR B 434 9.23 12.46 45.89
C TYR B 434 8.33 13.66 46.09
N GLU B 435 7.80 13.79 47.30
CA GLU B 435 7.12 15.01 47.72
C GLU B 435 8.14 15.88 48.45
N THR B 436 8.43 17.05 47.87
CA THR B 436 9.48 17.92 48.39
C THR B 436 8.95 18.98 49.33
N LYS B 437 7.75 19.51 49.08
CA LYS B 437 7.15 20.53 49.94
C LYS B 437 5.70 20.15 50.20
N ALA B 438 5.35 19.96 51.45
CA ALA B 438 4.00 19.60 51.83
C ALA B 438 3.19 20.85 52.16
N PRO B 439 1.86 20.81 52.00
CA PRO B 439 1.03 21.95 52.40
C PRO B 439 1.15 22.22 53.89
N SER B 440 0.94 23.47 54.26
CA SER B 440 1.10 23.90 55.65
C SER B 440 0.12 23.15 56.55
N GLY B 441 0.66 22.46 57.55
CA GLY B 441 -0.14 21.66 58.46
C GLY B 441 -0.22 20.19 58.11
N TYR B 442 0.58 19.72 57.15
CA TYR B 442 0.55 18.33 56.73
C TYR B 442 1.98 17.78 56.69
N VAL B 443 2.09 16.46 56.87
CA VAL B 443 3.37 15.76 56.88
C VAL B 443 3.49 14.98 55.58
N ALA B 444 4.49 15.34 54.77
CA ALA B 444 4.62 14.79 53.43
C ALA B 444 4.65 13.27 53.43
N GLY B 445 4.12 12.68 52.35
CA GLY B 445 4.08 11.24 52.22
C GLY B 445 5.40 10.66 51.80
N PRO B 446 5.51 9.35 51.90
CA PRO B 446 6.77 8.66 51.59
C PRO B 446 7.00 8.56 50.08
N VAL B 447 8.22 8.16 49.74
CA VAL B 447 8.59 8.03 48.33
C VAL B 447 7.76 6.93 47.67
N GLN B 448 7.48 7.12 46.38
CA GLN B 448 6.77 6.13 45.58
C GLN B 448 7.57 5.82 44.32
N LYS B 449 7.81 4.54 44.08
CA LYS B 449 8.34 4.08 42.81
C LYS B 449 7.22 4.07 41.78
N VAL B 450 7.48 4.66 40.62
CA VAL B 450 6.49 4.78 39.56
C VAL B 450 7.00 4.05 38.32
N ASN B 451 6.13 3.27 37.70
CA ASN B 451 6.46 2.47 36.53
C ASN B 451 5.74 3.04 35.31
N ILE B 452 6.51 3.56 34.36
CA ILE B 452 5.94 4.22 33.19
C ILE B 452 5.81 3.21 32.06
N THR B 453 4.65 3.19 31.41
CA THR B 453 4.36 2.31 30.29
C THR B 453 3.94 3.12 29.07
N PRO B 454 4.26 2.65 27.86
CA PRO B 454 4.06 3.49 26.68
C PRO B 454 2.59 3.75 26.39
N GLY B 455 2.32 4.95 25.89
CA GLY B 455 0.99 5.29 25.41
C GLY B 455 0.26 6.24 26.34
N THR B 456 -0.43 7.22 25.73
CA THR B 456 -1.28 8.10 26.51
C THR B 456 -2.48 7.38 27.11
N THR B 457 -2.79 6.18 26.61
CA THR B 457 -3.84 5.36 27.19
C THR B 457 -3.39 4.63 28.44
N ALA B 458 -2.08 4.41 28.61
CA ALA B 458 -1.52 3.75 29.77
C ALA B 458 -0.98 4.75 30.78
N LYS B 459 -1.59 5.93 30.88
CA LYS B 459 -1.11 6.94 31.83
C LYS B 459 -1.16 6.39 33.24
N LEU B 460 -0.12 6.69 34.02
CA LEU B 460 -0.04 6.22 35.39
C LEU B 460 -0.62 7.27 36.32
N VAL B 461 -1.61 6.88 37.12
CA VAL B 461 -2.25 7.76 38.08
C VAL B 461 -1.76 7.37 39.47
N VAL B 462 -1.15 8.31 40.17
CA VAL B 462 -0.61 8.08 41.50
C VAL B 462 -1.35 9.01 42.46
N ASP B 463 -2.17 8.42 43.33
CA ASP B 463 -2.85 9.19 44.38
C ASP B 463 -1.88 9.35 45.55
N PHE B 464 -1.28 10.52 45.65
CA PHE B 464 -0.27 10.82 46.68
C PHE B 464 -0.95 11.57 47.81
N GLU B 465 -0.92 10.95 49.01
CA GLU B 465 -1.58 11.44 50.25
C GLU B 465 -0.63 12.03 51.30
N ASN B 466 -1.12 12.83 52.24
CA ASN B 466 -0.28 13.53 53.23
C ASN B 466 -0.93 13.32 54.65
N THR B 467 -0.32 12.70 55.73
CA THR B 467 -0.96 12.77 57.04
C THR B 467 -1.10 14.22 57.50
N LYS B 468 -1.90 14.41 58.55
CA LYS B 468 -2.30 15.74 59.01
C LYS B 468 -2.10 15.83 60.52
N LYS B 469 -0.97 16.40 60.94
CA LYS B 469 -0.73 16.73 62.34
C LYS B 469 0.55 17.53 62.48
#